data_2G2R
#
_entry.id   2G2R
#
_cell.length_a   164.788
_cell.length_b   53.761
_cell.length_c   110.390
_cell.angle_alpha   90.00
_cell.angle_beta   94.64
_cell.angle_gamma   90.00
#
_symmetry.space_group_name_H-M   'C 1 2 1'
#
loop_
_entity.id
_entity.type
_entity.pdbx_description
1 polymer 'Green-fluorescent antibody (11G10)-light chain'
2 polymer 'Green-fluorescent antibody (11G10)-heavy chain'
3 non-polymer 'SULFATE ION'
4 non-polymer "N-(TRANS-4'-NITRO-4-STILBENYL)-N-METHYL-5-AMINO-PENTANOIC ACID"
5 water water
#
loop_
_entity_poly.entity_id
_entity_poly.type
_entity_poly.pdbx_seq_one_letter_code
_entity_poly.pdbx_strand_id
1 'polypeptide(L)'
;DVVMTQTPLTLSVTIGQPASISCRSSQSLLYINGKTHLNWLLQRPGQSPKRLIYLVSKLDSGVPDRFSGSGSGTDFTLKI
SRVEAEDLGIYFCLQSTHFPLTFGAGTKLELKRADAAPTVSIFPPSSEQLTSGGASVVCFLNNFYPRDINVKWKIDGSER
QNGVLNSWTDQDSKDSTYSMSSTLTLTKDEYERHNSYTCEATHKTSTSPIVKSFNRNEC
;
L,A
2 'polypeptide(L)'
;QVQLQQSGPVLVKPGTSLKMSCKASGYTFTAYYMNWMKQSHGKRLEWIAVINPYNGFTTYNQKFKGKATLTVDKSSNTAY
MDLNSLTSEDSAVYYCVPYDYAADRVYWGHGTLVTVSTAKTTAPSVYPLAPVCGGTTGSSVTLGCLVKGYFPEPVTLTWN
SGSLSSGVHTFPALLQSGLYTLSSSVTVTSNTWPSQTITCNVAHPASSTKVDKKIEPRG
;
H,B
#
# COMPACT_ATOMS: atom_id res chain seq x y z
N ASP A 1 0.75 24.53 9.48
CA ASP A 1 0.82 24.25 8.02
C ASP A 1 -0.55 24.34 7.35
N VAL A 2 -0.57 24.82 6.11
CA VAL A 2 -1.82 24.85 5.37
C VAL A 2 -2.14 23.45 4.84
N VAL A 3 -3.39 23.04 4.98
CA VAL A 3 -3.79 21.74 4.48
C VAL A 3 -4.65 21.96 3.26
N MET A 4 -4.29 21.31 2.17
CA MET A 4 -5.06 21.37 0.95
C MET A 4 -5.82 20.08 0.83
N THR A 5 -7.14 20.17 0.82
CA THR A 5 -8.01 19.01 0.69
C THR A 5 -8.66 18.97 -0.70
N GLN A 6 -8.27 18.02 -1.55
CA GLN A 6 -8.83 17.88 -2.91
C GLN A 6 -10.03 16.95 -3.00
N THR A 7 -10.96 17.29 -3.89
CA THR A 7 -12.07 16.39 -4.27
C THR A 7 -12.37 16.43 -5.77
N PRO A 8 -12.75 15.27 -6.36
CA PRO A 8 -12.70 13.93 -5.75
C PRO A 8 -11.29 13.40 -5.92
N LEU A 9 -11.01 12.19 -5.44
CA LEU A 9 -9.66 11.67 -5.64
C LEU A 9 -9.48 11.18 -7.06
N THR A 10 -10.58 10.70 -7.64
CA THR A 10 -10.55 10.24 -9.02
C THR A 10 -11.84 10.65 -9.70
N LEU A 11 -11.72 11.11 -10.94
CA LEU A 11 -12.84 11.62 -11.68
C LEU A 11 -12.85 11.01 -13.09
N SER A 12 -13.97 10.41 -13.47
CA SER A 12 -14.06 9.73 -14.75
C SER A 12 -15.02 10.44 -15.71
N VAL A 13 -14.48 10.86 -16.86
CA VAL A 13 -15.23 11.71 -17.78
C VAL A 13 -15.14 11.28 -19.26
N THR A 14 -16.18 11.57 -20.04
CA THR A 14 -16.20 11.28 -21.47
C THR A 14 -15.54 12.44 -22.23
N ILE A 15 -14.83 12.13 -23.31
CA ILE A 15 -14.20 13.18 -24.15
C ILE A 15 -15.23 14.25 -24.51
N GLY A 16 -14.80 15.51 -24.51
CA GLY A 16 -15.68 16.63 -24.85
C GLY A 16 -16.51 17.15 -23.69
N GLN A 17 -16.74 16.30 -22.69
CA GLN A 17 -17.54 16.69 -21.53
C GLN A 17 -16.73 17.55 -20.55
N PRO A 18 -17.41 18.42 -19.78
CA PRO A 18 -16.71 19.23 -18.78
C PRO A 18 -16.14 18.44 -17.58
N ALA A 19 -15.13 19.02 -16.94
CA ALA A 19 -14.57 18.46 -15.72
C ALA A 19 -14.37 19.57 -14.71
N SER A 20 -14.58 19.22 -13.43
CA SER A 20 -14.55 20.16 -12.34
C SER A 20 -13.81 19.57 -11.14
N ILE A 21 -12.66 20.12 -10.79
CA ILE A 21 -11.89 19.63 -9.65
C ILE A 21 -11.86 20.71 -8.59
N SER A 22 -12.06 20.32 -7.33
CA SER A 22 -12.04 21.28 -6.21
C SER A 22 -10.90 21.06 -5.22
N CYS A 23 -10.40 22.16 -4.70
CA CYS A 23 -9.39 22.12 -3.72
C CYS A 23 -9.66 23.16 -2.62
N ARG A 24 -9.71 22.71 -1.38
CA ARG A 24 -10.11 23.58 -0.27
C ARG A 24 -9.00 23.69 0.77
N SER A 25 -8.69 24.91 1.19
CA SER A 25 -7.55 25.11 2.12
C SER A 25 -7.96 25.44 3.58
N SER A 26 -7.13 25.00 4.53
CA SER A 26 -7.45 25.12 5.96
C SER A 26 -7.34 26.54 6.49
N GLN A 27 -6.68 27.42 5.73
CA GLN A 27 -6.70 28.85 6.03
C GLN A 27 -6.71 29.72 4.77
N SER A 28 -6.89 31.02 4.96
CA SER A 28 -6.90 31.97 3.86
C SER A 28 -5.56 31.91 3.15
N LEU A 29 -5.59 32.05 1.83
CA LEU A 29 -4.36 32.08 1.03
C LEU A 29 -4.11 33.47 0.45
N LEU A 30 -4.85 34.46 0.92
CA LEU A 30 -4.55 35.86 0.60
C LEU A 30 -3.16 36.15 1.11
N TYR A 31 -2.33 36.72 0.25
CA TYR A 31 -0.97 37.12 0.60
C TYR A 31 -1.00 38.55 1.12
N ILE A 32 0.11 39.01 1.71
CA ILE A 32 0.19 40.37 2.32
C ILE A 32 -0.04 41.52 1.34
N ASN A 33 0.05 41.21 0.04
CA ASN A 33 -0.27 42.17 -1.02
C ASN A 33 -1.68 41.97 -1.63
N GLY A 34 -2.41 41.01 -1.07
CA GLY A 34 -3.80 40.76 -1.46
C GLY A 34 -3.96 39.85 -2.66
N LYS A 35 -2.90 39.14 -3.03
CA LYS A 35 -2.96 38.19 -4.15
C LYS A 35 -3.01 36.77 -3.64
N THR A 36 -3.69 35.88 -4.33
CA THR A 36 -3.88 34.55 -3.77
C THR A 36 -3.04 33.50 -4.48
N HIS A 37 -2.05 32.96 -3.77
CA HIS A 37 -1.07 32.08 -4.37
C HIS A 37 -1.56 30.65 -4.43
N LEU A 38 -2.55 30.43 -5.28
CA LEU A 38 -3.06 29.11 -5.52
C LEU A 38 -2.67 28.63 -6.92
N ASN A 39 -1.97 27.49 -6.98
CA ASN A 39 -1.42 26.94 -8.22
C ASN A 39 -2.12 25.64 -8.55
N TRP A 40 -2.27 25.33 -9.84
CA TRP A 40 -2.77 24.01 -10.27
C TRP A 40 -1.77 23.33 -11.21
N LEU A 41 -1.52 22.04 -11.00
CA LEU A 41 -0.56 21.28 -11.81
C LEU A 41 -1.14 19.98 -12.39
N LEU A 42 -0.66 19.59 -13.56
CA LEU A 42 -1.02 18.31 -14.13
C LEU A 42 0.23 17.49 -14.24
N GLN A 43 0.15 16.24 -13.83
CA GLN A 43 1.23 15.30 -14.06
C GLN A 43 0.72 14.16 -14.92
N ARG A 44 1.21 14.10 -16.16
CA ARG A 44 0.79 13.09 -17.15
C ARG A 44 1.68 11.85 -16.94
N PRO A 45 1.12 10.62 -17.16
CA PRO A 45 1.86 9.35 -17.00
C PRO A 45 3.32 9.35 -17.47
N GLY A 46 4.24 9.03 -16.56
CA GLY A 46 5.67 8.97 -16.87
C GLY A 46 6.40 10.30 -16.85
N GLN A 47 5.68 11.41 -16.80
CA GLN A 47 6.28 12.73 -16.82
C GLN A 47 6.28 13.33 -15.42
N SER A 48 7.05 14.39 -15.23
CA SER A 48 7.00 15.09 -13.96
C SER A 48 5.96 16.19 -14.03
N PRO A 49 5.50 16.69 -12.86
CA PRO A 49 4.43 17.67 -12.85
C PRO A 49 4.75 18.94 -13.65
N LYS A 50 3.70 19.62 -14.12
CA LYS A 50 3.83 20.87 -14.86
C LYS A 50 2.71 21.83 -14.43
N ARG A 51 3.05 23.07 -14.09
CA ARG A 51 2.02 23.97 -13.62
C ARG A 51 1.19 24.44 -14.80
N LEU A 52 -0.12 24.51 -14.57
CA LEU A 52 -1.10 24.92 -15.57
C LEU A 52 -1.70 26.27 -15.20
N ILE A 53 -2.17 26.37 -13.97
CA ILE A 53 -2.72 27.62 -13.49
C ILE A 53 -1.94 28.14 -12.29
N TYR A 54 -1.81 29.47 -12.23
CA TYR A 54 -1.21 30.15 -11.07
C TYR A 54 -2.03 31.38 -10.72
N LEU A 55 -1.89 31.84 -9.48
CA LEU A 55 -2.71 32.94 -8.95
C LEU A 55 -4.24 32.74 -9.09
N VAL A 56 -4.69 31.51 -8.80
CA VAL A 56 -6.11 31.14 -8.85
C VAL A 56 -6.57 30.92 -10.29
N SER A 57 -6.44 31.94 -11.12
CA SER A 57 -7.05 31.93 -12.44
C SER A 57 -6.16 32.28 -13.65
N LYS A 58 -4.88 32.52 -13.45
CA LYS A 58 -4.01 32.85 -14.60
C LYS A 58 -3.36 31.60 -15.21
N LEU A 59 -3.49 31.42 -16.52
CA LEU A 59 -2.92 30.27 -17.24
C LEU A 59 -1.44 30.45 -17.52
N ASP A 60 -0.64 29.38 -17.41
CA ASP A 60 0.78 29.42 -17.87
C ASP A 60 0.85 29.43 -19.40
N SER A 61 2.01 29.80 -19.94
CA SER A 61 2.19 29.88 -21.40
C SER A 61 1.65 28.69 -22.19
N GLY A 62 0.97 29.01 -23.29
CA GLY A 62 0.44 28.03 -24.23
C GLY A 62 -0.36 26.91 -23.59
N VAL A 63 -1.00 27.20 -22.46
CA VAL A 63 -1.97 26.29 -21.86
C VAL A 63 -3.32 26.62 -22.49
N PRO A 64 -4.01 25.62 -23.05
CA PRO A 64 -5.29 25.88 -23.74
C PRO A 64 -6.40 26.47 -22.84
N ASP A 65 -7.30 27.26 -23.44
CA ASP A 65 -8.37 28.01 -22.74
C ASP A 65 -9.50 27.15 -22.21
N ARG A 66 -9.50 25.87 -22.58
CA ARG A 66 -10.42 24.92 -22.00
C ARG A 66 -10.20 24.91 -20.48
N PHE A 67 -8.97 25.25 -20.07
CA PHE A 67 -8.62 25.34 -18.66
C PHE A 67 -8.96 26.70 -18.09
N SER A 68 -9.56 26.67 -16.90
CA SER A 68 -9.84 27.85 -16.10
C SER A 68 -9.87 27.50 -14.62
N GLY A 69 -9.64 28.51 -13.80
CA GLY A 69 -9.58 28.36 -12.35
C GLY A 69 -10.32 29.47 -11.67
N SER A 70 -11.05 29.13 -10.62
CA SER A 70 -11.77 30.13 -9.83
C SER A 70 -11.63 29.86 -8.32
N GLY A 71 -11.74 30.92 -7.55
CA GLY A 71 -11.48 30.82 -6.15
C GLY A 71 -12.38 31.76 -5.43
N SER A 72 -12.99 31.26 -4.37
CA SER A 72 -13.72 32.09 -3.41
C SER A 72 -13.32 31.76 -1.96
N GLY A 73 -12.30 32.46 -1.47
CA GLY A 73 -11.97 32.46 -0.05
C GLY A 73 -11.02 31.34 0.26
N THR A 74 -11.57 30.22 0.70
CA THR A 74 -10.76 29.05 1.05
C THR A 74 -11.09 27.88 0.13
N ASP A 75 -11.98 28.14 -0.82
CA ASP A 75 -12.41 27.13 -1.78
C ASP A 75 -11.92 27.47 -3.22
N PHE A 76 -11.26 26.53 -3.89
CA PHE A 76 -10.69 26.79 -5.23
C PHE A 76 -10.97 25.70 -6.24
N THR A 77 -11.28 26.09 -7.48
CA THR A 77 -11.79 25.15 -8.49
C THR A 77 -11.13 25.28 -9.86
N LEU A 78 -10.58 24.16 -10.31
CA LEU A 78 -10.14 23.97 -11.69
C LEU A 78 -11.33 23.46 -12.52
N LYS A 79 -11.52 24.02 -13.71
CA LYS A 79 -12.52 23.55 -14.67
C LYS A 79 -11.94 23.33 -16.06
N ILE A 80 -12.29 22.20 -16.66
CA ILE A 80 -11.94 21.95 -18.05
C ILE A 80 -13.24 22.03 -18.83
N SER A 81 -13.30 22.94 -19.80
CA SER A 81 -14.54 23.14 -20.58
C SER A 81 -14.91 21.86 -21.31
N ARG A 82 -13.96 21.28 -22.04
CA ARG A 82 -14.18 20.00 -22.69
C ARG A 82 -12.92 19.19 -22.58
N VAL A 83 -13.03 18.00 -21.98
CA VAL A 83 -11.85 17.18 -21.76
C VAL A 83 -11.42 16.54 -23.04
N GLU A 84 -10.10 16.51 -23.24
CA GLU A 84 -9.48 15.94 -24.43
C GLU A 84 -8.43 14.93 -23.97
N ALA A 85 -8.02 14.05 -24.89
CA ALA A 85 -7.02 13.03 -24.61
C ALA A 85 -5.91 13.57 -23.73
N GLU A 86 -5.25 14.63 -24.19
CA GLU A 86 -4.09 15.18 -23.52
C GLU A 86 -4.24 15.54 -22.06
N ASP A 87 -5.48 15.64 -21.61
CA ASP A 87 -5.80 16.11 -20.27
C ASP A 87 -5.60 15.06 -19.19
N LEU A 88 -5.47 13.82 -19.61
CA LEU A 88 -5.41 12.71 -18.69
C LEU A 88 -4.20 12.83 -17.77
N GLY A 89 -4.36 12.46 -16.50
CA GLY A 89 -3.26 12.41 -15.55
C GLY A 89 -3.71 12.75 -14.14
N ILE A 90 -2.78 13.20 -13.31
CA ILE A 90 -3.11 13.58 -11.94
C ILE A 90 -3.01 15.09 -11.76
N TYR A 91 -4.09 15.69 -11.26
CA TYR A 91 -4.09 17.12 -11.02
C TYR A 91 -3.86 17.41 -9.54
N PHE A 92 -2.93 18.34 -9.27
CA PHE A 92 -2.64 18.78 -7.91
C PHE A 92 -2.87 20.28 -7.78
N CYS A 93 -3.59 20.70 -6.74
CA CYS A 93 -3.53 22.10 -6.30
C CYS A 93 -2.32 22.29 -5.37
N LEU A 94 -1.78 23.51 -5.38
CA LEU A 94 -0.59 23.85 -4.60
C LEU A 94 -0.69 25.28 -4.06
N GLN A 95 -0.70 25.44 -2.74
CA GLN A 95 -0.59 26.80 -2.20
C GLN A 95 0.87 27.18 -2.05
N SER A 96 1.20 28.40 -2.42
CA SER A 96 2.55 28.96 -2.19
C SER A 96 2.45 30.32 -1.50
N THR A 97 1.35 30.52 -0.77
CA THR A 97 1.10 31.73 0.01
C THR A 97 1.89 31.74 1.31
N HIS A 98 1.83 30.60 2.01
CA HIS A 98 2.45 30.41 3.32
C HIS A 98 3.44 29.27 3.28
N PHE A 99 4.51 29.37 4.05
CA PHE A 99 5.49 28.33 4.11
C PHE A 99 5.19 27.42 5.29
N PRO A 100 5.34 26.11 5.12
CA PRO A 100 5.82 25.43 3.91
C PRO A 100 4.77 25.43 2.81
N LEU A 101 5.21 25.27 1.58
CA LEU A 101 4.30 25.04 0.46
C LEU A 101 3.68 23.67 0.67
N THR A 102 2.37 23.56 0.43
CA THR A 102 1.65 22.29 0.63
C THR A 102 0.74 21.96 -0.57
N PHE A 103 0.53 20.66 -0.81
CA PHE A 103 -0.19 20.16 -1.97
C PHE A 103 -1.47 19.44 -1.57
N GLY A 104 -2.46 19.41 -2.47
CA GLY A 104 -3.58 18.47 -2.33
C GLY A 104 -3.13 17.04 -2.62
N ALA A 105 -3.99 16.07 -2.33
CA ALA A 105 -3.64 14.64 -2.50
C ALA A 105 -3.43 14.26 -3.97
N GLY A 106 -4.05 15.04 -4.87
CA GLY A 106 -4.07 14.74 -6.30
C GLY A 106 -5.42 14.17 -6.71
N THR A 107 -5.87 14.49 -7.94
CA THR A 107 -7.09 13.90 -8.50
C THR A 107 -6.73 13.20 -9.80
N LYS A 108 -7.13 11.94 -9.94
CA LYS A 108 -6.90 11.16 -11.18
C LYS A 108 -8.01 11.40 -12.18
N LEU A 109 -7.68 11.97 -13.33
CA LEU A 109 -8.68 12.24 -14.34
C LEU A 109 -8.64 11.12 -15.36
N GLU A 110 -9.70 10.31 -15.35
CA GLU A 110 -9.84 9.15 -16.22
C GLU A 110 -10.83 9.42 -17.31
N LEU A 111 -10.67 8.71 -18.40
CA LEU A 111 -11.58 8.86 -19.51
C LEU A 111 -12.55 7.71 -19.56
N LYS A 112 -13.81 8.01 -19.86
CA LYS A 112 -14.83 7.00 -20.15
C LYS A 112 -14.91 6.91 -21.66
N ARG A 113 -14.65 5.75 -22.24
CA ARG A 113 -14.94 5.53 -23.67
C ARG A 113 -15.80 4.28 -23.83
N ALA A 114 -16.13 3.93 -25.07
CA ALA A 114 -16.87 2.71 -25.37
C ALA A 114 -16.10 1.46 -24.91
N ASP A 115 -16.83 0.51 -24.34
CA ASP A 115 -16.24 -0.81 -24.01
C ASP A 115 -15.46 -1.35 -25.19
N ALA A 116 -14.33 -2.01 -24.92
CA ALA A 116 -13.48 -2.53 -25.99
C ALA A 116 -12.79 -3.83 -25.59
N ALA A 117 -12.86 -4.83 -26.46
CA ALA A 117 -12.22 -6.13 -26.23
C ALA A 117 -10.68 -6.12 -26.39
N PRO A 118 -9.96 -6.88 -25.54
CA PRO A 118 -8.49 -6.94 -25.58
C PRO A 118 -7.93 -7.62 -26.81
N THR A 119 -6.74 -7.23 -27.23
CA THR A 119 -6.03 -7.97 -28.21
C THR A 119 -5.03 -8.84 -27.47
N VAL A 120 -5.24 -10.14 -27.58
CA VAL A 120 -4.52 -11.11 -26.77
C VAL A 120 -3.43 -11.80 -27.57
N SER A 121 -2.21 -11.78 -27.04
CA SER A 121 -1.10 -12.53 -27.63
C SER A 121 -0.44 -13.36 -26.54
N ILE A 122 -0.31 -14.68 -26.78
CA ILE A 122 0.43 -15.54 -25.84
C ILE A 122 1.85 -15.80 -26.31
N PHE A 123 2.78 -15.89 -25.36
CA PHE A 123 4.20 -16.05 -25.69
C PHE A 123 4.82 -17.15 -24.86
N PRO A 124 5.19 -18.27 -25.50
CA PRO A 124 5.94 -19.30 -24.79
C PRO A 124 7.26 -18.76 -24.25
N PRO A 125 7.89 -19.49 -23.35
CA PRO A 125 9.20 -19.03 -22.93
C PRO A 125 10.17 -19.01 -24.09
N SER A 126 11.04 -18.01 -24.12
CA SER A 126 12.14 -17.92 -25.10
C SER A 126 13.16 -19.03 -24.88
N SER A 127 13.83 -19.46 -25.95
CA SER A 127 14.79 -20.54 -25.84
C SER A 127 15.99 -20.19 -24.94
N GLU A 128 16.27 -18.89 -24.79
CA GLU A 128 17.29 -18.44 -23.86
C GLU A 128 16.89 -18.69 -22.42
N GLN A 129 15.64 -18.37 -22.04
CA GLN A 129 15.20 -18.64 -20.67
C GLN A 129 15.26 -20.13 -20.34
N LEU A 130 14.93 -20.97 -21.30
CA LEU A 130 15.00 -22.40 -21.08
C LEU A 130 16.44 -22.87 -20.87
N THR A 131 17.38 -22.31 -21.63
CA THR A 131 18.80 -22.60 -21.42
C THR A 131 19.20 -22.19 -20.00
N SER A 132 18.75 -21.01 -19.58
CA SER A 132 18.91 -20.54 -18.19
C SER A 132 18.34 -21.47 -17.11
N GLY A 133 17.43 -22.35 -17.46
CA GLY A 133 16.81 -23.23 -16.48
C GLY A 133 15.49 -22.72 -15.93
N GLY A 134 15.09 -21.52 -16.34
CA GLY A 134 13.78 -20.98 -15.96
C GLY A 134 12.74 -21.15 -17.06
N ALA A 135 11.50 -20.71 -16.79
CA ALA A 135 10.41 -20.76 -17.77
C ALA A 135 9.22 -19.91 -17.38
N SER A 136 8.95 -18.89 -18.18
CA SER A 136 7.84 -17.95 -17.97
C SER A 136 6.94 -17.88 -19.19
N VAL A 137 5.63 -17.95 -18.99
CA VAL A 137 4.74 -17.73 -20.10
C VAL A 137 4.13 -16.34 -19.89
N VAL A 138 4.19 -15.52 -20.94
CA VAL A 138 3.72 -14.14 -20.89
C VAL A 138 2.53 -13.97 -21.81
N CYS A 139 1.56 -13.19 -21.36
CA CYS A 139 0.36 -12.92 -22.12
C CYS A 139 0.06 -11.43 -22.11
N PHE A 140 -0.26 -10.89 -23.26
CA PHE A 140 -0.60 -9.47 -23.32
C PHE A 140 -2.07 -9.33 -23.65
N LEU A 141 -2.76 -8.56 -22.82
CA LEU A 141 -4.14 -8.21 -23.08
C LEU A 141 -4.11 -6.73 -23.39
N ASN A 142 -4.15 -6.40 -24.69
CA ASN A 142 -3.88 -5.03 -25.15
C ASN A 142 -5.11 -4.24 -25.60
N ASN A 143 -5.09 -2.94 -25.29
CA ASN A 143 -6.05 -1.96 -25.81
C ASN A 143 -7.49 -2.34 -25.57
N PHE A 144 -7.80 -2.60 -24.31
CA PHE A 144 -9.16 -2.95 -23.87
C PHE A 144 -9.75 -1.86 -22.99
N TYR A 145 -11.04 -2.00 -22.69
CA TYR A 145 -11.71 -1.05 -21.82
C TYR A 145 -13.01 -1.69 -21.39
N PRO A 146 -13.42 -1.48 -20.12
CA PRO A 146 -12.73 -0.71 -19.07
C PRO A 146 -11.55 -1.44 -18.45
N ARG A 147 -10.91 -0.79 -17.48
CA ARG A 147 -9.72 -1.30 -16.79
C ARG A 147 -9.90 -2.67 -16.15
N ASP A 148 -11.05 -2.88 -15.50
CA ASP A 148 -11.49 -4.18 -15.02
C ASP A 148 -11.38 -5.26 -16.07
N ILE A 149 -10.60 -6.29 -15.79
CA ILE A 149 -10.51 -7.47 -16.63
C ILE A 149 -9.80 -8.61 -15.88
N ASN A 150 -10.12 -9.83 -16.28
CA ASN A 150 -9.60 -11.03 -15.65
C ASN A 150 -8.83 -11.90 -16.63
N VAL A 151 -7.75 -12.53 -16.15
CA VAL A 151 -7.05 -13.52 -16.93
C VAL A 151 -7.19 -14.88 -16.29
N LYS A 152 -7.55 -15.86 -17.11
CA LYS A 152 -7.46 -17.26 -16.73
C LYS A 152 -6.27 -17.82 -17.49
N TRP A 153 -5.46 -18.61 -16.80
CA TRP A 153 -4.46 -19.46 -17.42
C TRP A 153 -4.83 -20.90 -17.24
N LYS A 154 -4.71 -21.69 -18.29
CA LYS A 154 -4.98 -23.12 -18.23
C LYS A 154 -3.78 -23.90 -18.78
N ILE A 155 -3.30 -24.85 -17.99
CA ILE A 155 -2.30 -25.79 -18.43
C ILE A 155 -2.90 -27.17 -18.53
N ASP A 156 -2.78 -27.79 -19.71
CA ASP A 156 -3.40 -29.10 -20.00
C ASP A 156 -4.81 -29.17 -19.44
N GLY A 157 -5.54 -28.08 -19.66
CA GLY A 157 -6.96 -28.03 -19.35
C GLY A 157 -7.32 -27.80 -17.89
N SER A 158 -6.33 -27.61 -17.03
CA SER A 158 -6.65 -27.22 -15.65
C SER A 158 -6.31 -25.77 -15.38
N GLU A 159 -7.21 -25.10 -14.66
CA GLU A 159 -7.03 -23.70 -14.30
C GLU A 159 -5.85 -23.58 -13.35
N ARG A 160 -5.08 -22.52 -13.51
CA ARG A 160 -3.87 -22.35 -12.75
C ARG A 160 -3.85 -20.97 -12.13
N GLN A 161 -3.80 -20.87 -10.80
CA GLN A 161 -3.75 -19.53 -10.16
C GLN A 161 -2.38 -19.21 -9.56
N ASN A 162 -1.68 -20.24 -9.10
CA ASN A 162 -0.36 -20.08 -8.51
C ASN A 162 0.68 -19.54 -9.47
N GLY A 163 1.44 -18.57 -8.99
CA GLY A 163 2.59 -18.03 -9.70
C GLY A 163 2.24 -17.18 -10.91
N VAL A 164 1.16 -16.41 -10.80
CA VAL A 164 0.68 -15.48 -11.84
C VAL A 164 0.87 -14.05 -11.36
N LEU A 165 1.44 -13.20 -12.20
CA LEU A 165 1.53 -11.78 -11.87
C LEU A 165 1.03 -10.89 -13.01
N ASN A 166 0.33 -9.85 -12.63
CA ASN A 166 -0.36 -8.98 -13.56
C ASN A 166 0.01 -7.52 -13.40
N SER A 167 0.36 -6.85 -14.50
CA SER A 167 0.69 -5.44 -14.47
C SER A 167 -0.18 -4.66 -15.46
N TRP A 168 -0.80 -3.58 -14.98
CA TRP A 168 -1.62 -2.73 -15.82
C TRP A 168 -0.84 -1.50 -16.22
N THR A 169 -0.96 -1.07 -17.49
CA THR A 169 -0.42 0.22 -17.88
C THR A 169 -1.39 1.31 -17.43
N ASP A 170 -0.94 2.56 -17.50
CA ASP A 170 -1.80 3.69 -17.28
C ASP A 170 -2.69 3.84 -18.50
N GLN A 171 -3.72 4.67 -18.39
CA GLN A 171 -4.64 4.88 -19.49
C GLN A 171 -3.87 5.44 -20.69
N ASP A 172 -4.24 4.99 -21.87
CA ASP A 172 -3.56 5.38 -23.09
C ASP A 172 -4.05 6.74 -23.56
N SER A 173 -3.13 7.69 -23.76
CA SER A 173 -3.48 9.00 -24.32
C SER A 173 -4.22 8.89 -25.68
N LYS A 174 -3.66 8.11 -26.60
CA LYS A 174 -4.18 8.06 -27.97
C LYS A 174 -5.67 7.63 -28.00
N ASP A 175 -6.03 6.52 -27.35
CA ASP A 175 -7.35 5.90 -27.56
C ASP A 175 -8.13 5.59 -26.28
N SER A 176 -7.59 6.03 -25.14
CA SER A 176 -8.26 5.90 -23.85
C SER A 176 -8.39 4.47 -23.34
N THR A 177 -7.60 3.54 -23.89
CA THR A 177 -7.70 2.15 -23.47
C THR A 177 -6.70 1.86 -22.38
N TYR A 178 -6.80 0.66 -21.80
CA TYR A 178 -5.85 0.14 -20.84
C TYR A 178 -5.26 -1.10 -21.45
N SER A 179 -4.03 -1.45 -21.05
CA SER A 179 -3.41 -2.69 -21.45
C SER A 179 -2.82 -3.39 -20.21
N MET A 180 -2.72 -4.72 -20.28
CA MET A 180 -2.33 -5.52 -19.13
C MET A 180 -1.47 -6.71 -19.56
N SER A 181 -0.48 -7.02 -18.73
CA SER A 181 0.46 -8.09 -19.00
C SER A 181 0.40 -9.12 -17.87
N SER A 182 0.19 -10.38 -18.24
CA SER A 182 0.09 -11.48 -17.29
C SER A 182 1.24 -12.45 -17.46
N THR A 183 2.01 -12.64 -16.41
CA THR A 183 3.15 -13.53 -16.50
C THR A 183 2.90 -14.75 -15.63
N LEU A 184 3.06 -15.93 -16.23
CA LEU A 184 2.97 -17.18 -15.51
C LEU A 184 4.35 -17.79 -15.36
N THR A 185 4.79 -17.91 -14.11
CA THR A 185 6.15 -18.32 -13.80
C THR A 185 6.18 -19.77 -13.35
N LEU A 186 7.01 -20.55 -14.03
CA LEU A 186 7.14 -21.98 -13.79
C LEU A 186 8.58 -22.41 -13.61
N THR A 187 8.78 -23.68 -13.33
CA THR A 187 10.12 -24.25 -13.41
C THR A 187 10.24 -24.84 -14.79
N LYS A 188 11.46 -24.99 -15.26
CA LYS A 188 11.69 -25.64 -16.54
C LYS A 188 11.02 -27.01 -16.49
N ASP A 189 11.30 -27.80 -15.44
CA ASP A 189 10.76 -29.17 -15.30
C ASP A 189 9.26 -29.22 -15.41
N GLU A 190 8.61 -28.25 -14.79
CA GLU A 190 7.16 -28.21 -14.80
C GLU A 190 6.61 -27.84 -16.16
N TYR A 191 7.22 -26.83 -16.79
CA TYR A 191 6.82 -26.42 -18.12
C TYR A 191 7.00 -27.59 -19.08
N GLU A 192 8.10 -28.31 -18.94
CA GLU A 192 8.36 -29.47 -19.80
C GLU A 192 7.44 -30.67 -19.49
N ARG A 193 6.87 -30.70 -18.29
CA ARG A 193 5.91 -31.73 -17.89
C ARG A 193 4.54 -31.59 -18.58
N HIS A 194 4.22 -30.40 -19.06
CA HIS A 194 2.91 -30.17 -19.66
C HIS A 194 2.99 -29.69 -21.11
N ASN A 195 1.84 -29.58 -21.79
CA ASN A 195 1.86 -29.27 -23.22
C ASN A 195 0.97 -28.15 -23.75
N SER A 196 -0.27 -28.10 -23.28
CA SER A 196 -1.24 -27.11 -23.74
C SER A 196 -1.25 -25.89 -22.82
N TYR A 197 -0.99 -24.73 -23.39
CA TYR A 197 -0.94 -23.49 -22.64
C TYR A 197 -1.91 -22.50 -23.22
N THR A 198 -2.74 -21.94 -22.34
CA THR A 198 -3.93 -21.19 -22.73
C THR A 198 -4.07 -19.93 -21.89
N CYS A 199 -4.32 -18.81 -22.56
CA CYS A 199 -4.52 -17.52 -21.91
C CYS A 199 -5.90 -17.03 -22.31
N GLU A 200 -6.74 -16.72 -21.32
CA GLU A 200 -8.13 -16.25 -21.58
C GLU A 200 -8.36 -14.88 -20.97
N ALA A 201 -9.05 -14.02 -21.71
CA ALA A 201 -9.40 -12.71 -21.19
C ALA A 201 -10.90 -12.57 -21.17
N THR A 202 -11.44 -12.37 -19.98
CA THR A 202 -12.88 -12.18 -19.79
C THR A 202 -13.12 -10.96 -18.94
N HIS A 203 -14.16 -10.19 -19.27
CA HIS A 203 -14.59 -9.13 -18.38
C HIS A 203 -15.78 -9.57 -17.55
N LYS A 204 -16.75 -10.24 -18.17
CA LYS A 204 -17.86 -10.79 -17.42
C LYS A 204 -18.43 -12.07 -18.02
N THR A 205 -18.93 -12.91 -17.12
CA THR A 205 -19.54 -14.18 -17.47
C THR A 205 -20.23 -14.14 -18.84
N SER A 206 -21.09 -13.14 -19.05
CA SER A 206 -21.91 -13.06 -20.26
C SER A 206 -21.22 -12.51 -21.53
N THR A 207 -19.91 -12.30 -21.47
CA THR A 207 -19.12 -11.96 -22.67
C THR A 207 -18.10 -13.05 -22.99
N SER A 208 -18.18 -13.60 -24.20
CA SER A 208 -17.26 -14.63 -24.65
C SER A 208 -15.84 -14.23 -24.35
N PRO A 209 -15.04 -15.16 -23.78
CA PRO A 209 -13.61 -14.96 -23.54
C PRO A 209 -12.84 -14.78 -24.87
N ILE A 210 -11.74 -14.05 -24.83
CA ILE A 210 -10.82 -14.06 -25.95
C ILE A 210 -9.69 -14.98 -25.56
N VAL A 211 -9.47 -16.01 -26.38
CA VAL A 211 -8.64 -17.13 -25.98
C VAL A 211 -7.44 -17.22 -26.89
N LYS A 212 -6.24 -17.41 -26.33
CA LYS A 212 -5.05 -17.67 -27.13
C LYS A 212 -4.23 -18.80 -26.51
N SER A 213 -3.74 -19.69 -27.40
CA SER A 213 -3.12 -20.96 -27.02
C SER A 213 -1.86 -21.31 -27.80
N PHE A 214 -1.12 -22.26 -27.24
CA PHE A 214 -0.12 -22.99 -28.01
C PHE A 214 0.08 -24.39 -27.40
N ASN A 215 0.75 -25.24 -28.18
CA ASN A 215 1.20 -26.53 -27.71
C ASN A 215 2.72 -26.56 -27.80
N ARG A 216 3.38 -26.76 -26.66
CA ARG A 216 4.84 -26.80 -26.61
C ARG A 216 5.36 -27.77 -27.65
N ASN A 217 4.57 -28.80 -27.89
CA ASN A 217 4.94 -29.98 -28.67
C ASN A 217 5.07 -29.76 -30.16
N GLU A 218 4.18 -28.97 -30.73
CA GLU A 218 4.14 -28.81 -32.17
C GLU A 218 4.47 -27.37 -32.57
N CYS A 219 4.78 -27.17 -33.83
CA CYS A 219 5.09 -25.84 -34.30
C CYS A 219 3.93 -25.31 -35.17
N GLN B 1 16.37 27.71 -24.01
CA GLN B 1 15.21 27.07 -23.32
C GLN B 1 15.66 26.58 -21.96
N VAL B 2 14.78 26.66 -20.98
CA VAL B 2 15.13 26.24 -19.62
C VAL B 2 15.28 24.73 -19.56
N GLN B 3 16.41 24.28 -19.05
CA GLN B 3 16.71 22.86 -18.98
C GLN B 3 17.33 22.54 -17.65
N LEU B 4 16.87 21.44 -17.08
CA LEU B 4 17.40 20.96 -15.82
C LEU B 4 17.86 19.54 -16.02
N GLN B 5 19.05 19.22 -15.51
CA GLN B 5 19.52 17.86 -15.60
C GLN B 5 19.88 17.34 -14.21
N GLN B 6 19.13 16.32 -13.78
CA GLN B 6 19.28 15.76 -12.43
C GLN B 6 20.15 14.50 -12.42
N SER B 7 20.87 14.27 -11.32
CA SER B 7 21.73 13.08 -11.23
C SER B 7 20.90 11.80 -11.40
N GLY B 8 21.51 10.75 -11.95
CA GLY B 8 20.78 9.53 -12.24
C GLY B 8 20.29 8.79 -11.01
N PRO B 9 19.44 7.77 -11.22
CA PRO B 9 18.89 7.02 -10.08
C PRO B 9 19.99 6.39 -9.21
N VAL B 10 19.72 6.21 -7.92
CA VAL B 10 20.68 5.56 -7.04
C VAL B 10 20.04 4.55 -6.12
N LEU B 11 20.82 3.53 -5.76
CA LEU B 11 20.51 2.62 -4.66
C LEU B 11 21.51 2.87 -3.53
N VAL B 12 21.03 3.29 -2.37
CA VAL B 12 21.91 3.54 -1.22
C VAL B 12 21.45 2.77 -0.01
N LYS B 13 22.41 2.41 0.83
CA LYS B 13 22.14 1.73 2.09
C LYS B 13 21.52 2.64 3.15
N PRO B 14 20.66 2.08 4.02
CA PRO B 14 20.09 2.81 5.16
C PRO B 14 21.17 3.39 6.06
N GLY B 15 20.92 4.55 6.63
CA GLY B 15 21.85 5.17 7.56
C GLY B 15 22.95 6.00 6.90
N THR B 16 22.97 6.08 5.58
CA THR B 16 24.00 6.83 4.89
C THR B 16 23.52 8.22 4.45
N SER B 17 24.42 8.94 3.80
CA SER B 17 24.10 10.22 3.24
C SER B 17 24.13 10.16 1.72
N LEU B 18 23.36 11.04 1.10
CA LEU B 18 23.29 11.12 -0.34
C LEU B 18 23.25 12.57 -0.79
N LYS B 19 24.09 12.90 -1.78
CA LYS B 19 24.06 14.22 -2.40
C LYS B 19 23.54 14.08 -3.84
N MET B 20 22.41 14.74 -4.14
CA MET B 20 21.84 14.85 -5.51
C MET B 20 22.20 16.17 -6.14
N SER B 21 22.33 16.18 -7.47
CA SER B 21 22.63 17.39 -8.19
C SER B 21 21.55 17.74 -9.18
N CYS B 22 21.49 19.03 -9.52
CA CYS B 22 20.55 19.56 -10.46
C CYS B 22 21.28 20.67 -11.18
N LYS B 23 21.74 20.37 -12.41
CA LYS B 23 22.45 21.31 -13.24
C LYS B 23 21.46 22.07 -14.14
N ALA B 24 21.44 23.40 -14.02
CA ALA B 24 20.49 24.25 -14.73
C ALA B 24 21.10 25.00 -15.91
N SER B 25 20.30 25.22 -16.96
CA SER B 25 20.77 26.02 -18.09
C SER B 25 19.61 26.68 -18.82
N GLY B 26 19.90 27.76 -19.55
CA GLY B 26 18.89 28.44 -20.35
C GLY B 26 18.34 29.68 -19.68
N TYR B 27 18.81 29.96 -18.47
CA TYR B 27 18.43 31.15 -17.74
C TYR B 27 19.59 31.52 -16.84
N THR B 28 19.59 32.74 -16.29
CA THR B 28 20.62 33.14 -15.32
C THR B 28 20.35 32.43 -14.00
N PHE B 29 21.25 31.51 -13.68
CA PHE B 29 21.09 30.58 -12.57
C PHE B 29 20.65 31.26 -11.26
N THR B 30 21.25 32.41 -10.95
CA THR B 30 21.00 33.09 -9.68
C THR B 30 19.66 33.81 -9.65
N ALA B 31 18.95 33.87 -10.76
CA ALA B 31 17.74 34.66 -10.79
C ALA B 31 16.54 33.90 -10.29
N TYR B 32 16.61 32.58 -10.25
CA TYR B 32 15.45 31.75 -9.85
C TYR B 32 15.77 31.00 -8.55
N TYR B 33 14.85 31.05 -7.60
CA TYR B 33 15.00 30.25 -6.40
C TYR B 33 14.92 28.80 -6.82
N MET B 34 15.71 27.95 -6.18
CA MET B 34 15.59 26.52 -6.44
C MET B 34 14.88 25.76 -5.32
N ASN B 35 13.68 25.26 -5.64
CA ASN B 35 12.91 24.41 -4.71
C ASN B 35 13.29 22.95 -4.86
N TRP B 36 13.12 22.17 -3.81
CA TRP B 36 13.18 20.72 -3.94
C TRP B 36 11.89 20.10 -3.44
N MET B 37 11.39 19.12 -4.19
CA MET B 37 10.16 18.45 -3.89
C MET B 37 10.44 16.97 -3.74
N LYS B 38 9.59 16.28 -2.98
CA LYS B 38 9.60 14.83 -2.89
C LYS B 38 8.25 14.25 -3.31
N GLN B 39 8.29 13.20 -4.13
CA GLN B 39 7.08 12.47 -4.50
C GLN B 39 7.23 11.02 -4.07
N SER B 40 6.22 10.55 -3.35
CA SER B 40 6.21 9.21 -2.80
C SER B 40 5.23 8.34 -3.55
N HIS B 41 5.69 7.13 -3.89
CA HIS B 41 4.90 6.11 -4.62
C HIS B 41 4.14 6.67 -5.84
N GLY B 42 4.82 7.53 -6.61
CA GLY B 42 4.27 8.13 -7.82
C GLY B 42 2.98 8.90 -7.65
N LYS B 43 2.72 9.40 -6.43
CA LYS B 43 1.53 10.23 -6.21
C LYS B 43 1.81 11.44 -5.31
N ARG B 44 1.94 11.18 -4.01
CA ARG B 44 1.89 12.21 -2.99
C ARG B 44 3.10 13.10 -3.03
N LEU B 45 2.86 14.41 -3.01
CA LEU B 45 3.91 15.41 -3.18
C LEU B 45 4.14 16.27 -1.94
N GLU B 46 5.41 16.50 -1.61
CA GLU B 46 5.82 17.38 -0.52
C GLU B 46 6.91 18.34 -0.99
N TRP B 47 6.84 19.58 -0.51
CA TRP B 47 7.90 20.56 -0.73
C TRP B 47 8.93 20.45 0.40
N ILE B 48 10.22 20.28 0.05
CA ILE B 48 11.27 20.12 1.05
C ILE B 48 11.89 21.43 1.58
N ALA B 49 12.38 22.27 0.66
CA ALA B 49 13.12 23.47 0.99
C ALA B 49 13.29 24.29 -0.25
N VAL B 50 13.71 25.54 -0.08
CA VAL B 50 14.10 26.36 -1.21
C VAL B 50 15.42 27.07 -0.91
N ILE B 51 16.26 27.22 -1.93
CA ILE B 51 17.46 28.02 -1.80
C ILE B 51 17.41 29.22 -2.74
N ASN B 52 17.91 30.35 -2.28
CA ASN B 52 18.14 31.49 -3.15
C ASN B 52 19.62 31.48 -3.61
N PRO B 53 19.87 31.02 -4.86
CA PRO B 53 21.22 30.74 -5.31
C PRO B 53 22.12 31.95 -5.32
N TYR B 54 21.51 33.14 -5.34
CA TYR B 54 22.25 34.38 -5.39
C TYR B 54 23.12 34.50 -4.15
N ASN B 55 22.53 34.25 -2.99
CA ASN B 55 23.21 34.44 -1.72
C ASN B 55 23.30 33.14 -0.94
N GLY B 56 22.70 32.08 -1.48
CA GLY B 56 22.77 30.75 -0.88
C GLY B 56 21.87 30.55 0.33
N PHE B 57 20.99 31.52 0.59
CA PHE B 57 20.12 31.45 1.74
C PHE B 57 19.00 30.46 1.52
N THR B 58 18.83 29.54 2.46
CA THR B 58 17.85 28.47 2.33
C THR B 58 16.71 28.57 3.36
N THR B 59 15.49 28.22 2.96
CA THR B 59 14.40 28.04 3.90
C THR B 59 13.90 26.59 3.81
N TYR B 60 13.80 25.93 4.97
CA TYR B 60 13.41 24.52 5.04
C TYR B 60 11.98 24.31 5.48
N ASN B 61 11.39 23.22 5.03
CA ASN B 61 10.19 22.74 5.65
C ASN B 61 10.59 22.04 6.96
N GLN B 62 10.01 22.47 8.07
CA GLN B 62 10.39 21.93 9.38
C GLN B 62 10.47 20.39 9.43
N LYS B 63 9.64 19.72 8.62
CA LYS B 63 9.66 18.25 8.53
C LYS B 63 11.00 17.72 8.07
N PHE B 64 11.72 18.51 7.28
CA PHE B 64 12.95 18.06 6.67
C PHE B 64 14.15 18.81 7.20
N LYS B 65 13.95 19.74 8.12
CA LYS B 65 15.07 20.52 8.64
C LYS B 65 15.98 19.61 9.47
N GLY B 66 17.24 19.49 9.06
CA GLY B 66 18.16 18.56 9.69
C GLY B 66 18.28 17.30 8.87
N LYS B 67 17.31 17.05 8.00
CA LYS B 67 17.30 15.87 7.15
C LYS B 67 17.90 16.23 5.78
N ALA B 68 17.54 17.42 5.30
CA ALA B 68 18.00 17.91 4.01
C ALA B 68 18.90 19.15 4.15
N THR B 69 19.94 19.21 3.34
CA THR B 69 20.78 20.40 3.26
C THR B 69 20.90 20.81 1.80
N LEU B 70 20.51 22.05 1.51
CA LEU B 70 20.59 22.59 0.16
C LEU B 70 21.85 23.43 -0.03
N THR B 71 22.55 23.23 -1.13
CA THR B 71 23.67 24.11 -1.52
C THR B 71 23.65 24.42 -3.01
N VAL B 72 24.48 25.37 -3.44
CA VAL B 72 24.64 25.62 -4.88
C VAL B 72 26.09 25.82 -5.25
N ASP B 73 26.42 25.60 -6.50
CA ASP B 73 27.73 25.98 -7.00
C ASP B 73 27.45 26.91 -8.17
N LYS B 74 27.72 28.21 -7.99
CA LYS B 74 27.36 29.23 -8.99
C LYS B 74 28.12 29.02 -10.27
N SER B 75 29.41 28.75 -10.09
CA SER B 75 30.36 28.42 -11.14
C SER B 75 29.82 27.38 -12.13
N SER B 76 29.15 26.35 -11.64
CA SER B 76 28.74 25.25 -12.50
C SER B 76 27.24 25.27 -12.76
N ASN B 77 26.57 26.31 -12.28
CA ASN B 77 25.09 26.41 -12.38
C ASN B 77 24.39 25.19 -11.81
N THR B 78 24.92 24.65 -10.73
CA THR B 78 24.40 23.40 -10.20
C THR B 78 23.89 23.59 -8.79
N ALA B 79 22.70 23.06 -8.55
CA ALA B 79 22.08 23.00 -7.23
C ALA B 79 22.26 21.60 -6.63
N TYR B 80 22.46 21.54 -5.31
CA TYR B 80 22.58 20.25 -4.63
C TYR B 80 21.63 20.08 -3.45
N MET B 81 21.27 18.84 -3.20
CA MET B 81 20.52 18.50 -2.01
C MET B 81 21.17 17.29 -1.36
N ASP B 82 21.44 17.42 -0.07
CA ASP B 82 21.95 16.31 0.70
C ASP B 82 20.83 15.76 1.60
N LEU B 83 20.68 14.44 1.60
CA LEU B 83 19.81 13.76 2.53
C LEU B 83 20.63 12.85 3.39
N ASN B 84 20.45 13.00 4.69
CA ASN B 84 21.15 12.13 5.63
C ASN B 84 20.18 11.26 6.40
N SER B 85 20.73 10.30 7.15
CA SER B 85 19.98 9.36 7.97
C SER B 85 18.91 8.63 7.16
N LEU B 86 19.33 7.99 6.05
CA LEU B 86 18.38 7.45 5.08
C LEU B 86 17.63 6.21 5.57
N THR B 87 16.33 6.14 5.31
CA THR B 87 15.54 4.95 5.64
C THR B 87 14.71 4.68 4.43
N SER B 88 14.07 3.52 4.38
CA SER B 88 13.18 3.18 3.27
C SER B 88 12.14 4.27 3.06
N GLU B 89 11.88 5.04 4.13
CA GLU B 89 10.92 6.12 4.06
C GLU B 89 11.42 7.17 3.06
N ASP B 90 12.72 7.24 2.84
CA ASP B 90 13.27 8.20 1.90
C ASP B 90 13.25 7.74 0.46
N SER B 91 12.91 6.48 0.21
CA SER B 91 12.75 6.01 -1.17
C SER B 91 11.66 6.82 -1.85
N ALA B 92 12.05 7.55 -2.89
CA ALA B 92 11.13 8.46 -3.58
C ALA B 92 11.78 9.05 -4.84
N VAL B 93 10.97 9.76 -5.62
CA VAL B 93 11.51 10.59 -6.69
C VAL B 93 11.75 12.00 -6.12
N TYR B 94 12.95 12.56 -6.31
CA TYR B 94 13.26 13.92 -5.83
C TYR B 94 13.43 14.94 -6.97
N TYR B 95 12.58 15.96 -7.00
CA TYR B 95 12.57 16.94 -8.09
C TYR B 95 13.21 18.25 -7.67
N CYS B 96 14.09 18.78 -8.52
CA CYS B 96 14.47 20.18 -8.39
C CYS B 96 13.49 20.98 -9.24
N VAL B 97 13.03 22.10 -8.70
CA VAL B 97 11.97 22.92 -9.28
C VAL B 97 12.29 24.42 -9.14
N PRO B 98 12.99 25.00 -10.14
CA PRO B 98 13.35 26.43 -10.10
C PRO B 98 12.13 27.32 -10.33
N TYR B 99 12.04 28.41 -9.56
CA TYR B 99 10.93 29.36 -9.64
C TYR B 99 11.43 30.75 -9.96
N ASP B 100 11.02 31.26 -11.11
CA ASP B 100 11.38 32.58 -11.57
C ASP B 100 10.36 33.54 -11.00
N TYR B 101 10.75 34.27 -9.97
CA TYR B 101 9.80 35.20 -9.32
C TYR B 101 9.47 36.46 -10.12
N ALA B 102 10.45 37.03 -10.82
CA ALA B 102 10.17 38.20 -11.65
C ALA B 102 9.01 37.95 -12.66
N ALA B 103 9.07 36.85 -13.41
CA ALA B 103 8.05 36.57 -14.44
C ALA B 103 6.89 35.71 -13.93
N ASP B 104 7.15 34.96 -12.86
CA ASP B 104 6.23 33.99 -12.28
C ASP B 104 6.09 32.80 -13.21
N ARG B 105 7.18 32.06 -13.34
CA ARG B 105 7.20 30.82 -14.10
C ARG B 105 7.86 29.75 -13.23
N VAL B 106 7.43 28.51 -13.41
CA VAL B 106 8.01 27.40 -12.66
C VAL B 106 8.32 26.23 -13.60
N TYR B 107 9.39 25.50 -13.30
CA TYR B 107 9.84 24.40 -14.15
C TYR B 107 10.16 23.20 -13.26
N TRP B 108 9.87 21.99 -13.74
CA TRP B 108 10.24 20.79 -13.01
C TRP B 108 11.29 19.91 -13.70
N GLY B 109 12.26 19.43 -12.92
CA GLY B 109 13.26 18.49 -13.42
C GLY B 109 12.63 17.15 -13.75
N HIS B 110 13.41 16.24 -14.30
CA HIS B 110 12.88 14.90 -14.49
C HIS B 110 12.98 14.08 -13.19
N GLY B 111 13.60 14.65 -12.15
CA GLY B 111 13.71 14.01 -10.86
C GLY B 111 14.83 13.00 -10.79
N THR B 112 15.13 12.57 -9.59
CA THR B 112 16.13 11.54 -9.31
C THR B 112 15.47 10.49 -8.42
N LEU B 113 15.48 9.24 -8.90
CA LEU B 113 14.83 8.13 -8.19
C LEU B 113 15.78 7.49 -7.18
N VAL B 114 15.43 7.53 -5.90
CA VAL B 114 16.28 6.96 -4.84
C VAL B 114 15.65 5.73 -4.24
N THR B 115 16.43 4.65 -4.17
CA THR B 115 16.04 3.43 -3.49
C THR B 115 16.96 3.20 -2.29
N VAL B 116 16.37 3.26 -1.11
CA VAL B 116 17.11 2.97 0.11
C VAL B 116 16.83 1.53 0.51
N SER B 117 17.88 0.73 0.56
CA SER B 117 17.75 -0.69 0.79
C SER B 117 19.10 -1.27 1.05
N THR B 118 19.13 -2.42 1.73
CA THR B 118 20.36 -3.21 1.84
C THR B 118 20.47 -4.29 0.75
N ALA B 119 19.43 -4.48 -0.07
CA ALA B 119 19.50 -5.45 -1.18
C ALA B 119 20.63 -5.13 -2.13
N LYS B 120 21.19 -6.16 -2.75
CA LYS B 120 22.31 -5.96 -3.64
C LYS B 120 21.81 -5.79 -5.07
N THR B 121 22.57 -5.05 -5.86
CA THR B 121 22.25 -4.79 -7.26
C THR B 121 22.32 -6.09 -8.05
N THR B 122 21.27 -6.40 -8.78
CA THR B 122 21.22 -7.61 -9.59
C THR B 122 20.85 -7.25 -11.01
N ALA B 123 21.64 -7.73 -11.96
CA ALA B 123 21.42 -7.41 -13.36
C ALA B 123 20.29 -8.26 -13.89
N PRO B 124 19.43 -7.68 -14.74
CA PRO B 124 18.31 -8.45 -15.26
C PRO B 124 18.75 -9.42 -16.35
N SER B 125 18.02 -10.52 -16.51
CA SER B 125 18.14 -11.31 -17.72
C SER B 125 17.12 -10.75 -18.71
N VAL B 126 17.51 -10.67 -19.97
CA VAL B 126 16.61 -10.15 -20.98
C VAL B 126 16.38 -11.22 -22.03
N TYR B 127 15.11 -11.47 -22.30
CA TYR B 127 14.67 -12.53 -23.20
C TYR B 127 13.80 -11.92 -24.29
N PRO B 128 14.11 -12.21 -25.58
CA PRO B 128 13.20 -11.81 -26.66
C PRO B 128 11.99 -12.71 -26.68
N LEU B 129 10.82 -12.16 -26.98
CA LEU B 129 9.61 -12.97 -27.10
C LEU B 129 9.01 -12.91 -28.51
N ALA B 130 9.18 -13.98 -29.27
CA ALA B 130 8.64 -14.07 -30.62
C ALA B 130 7.26 -14.75 -30.59
N PRO B 131 6.38 -14.46 -31.58
CA PRO B 131 5.03 -15.06 -31.59
C PRO B 131 5.07 -16.56 -31.64
N VAL B 132 3.93 -17.21 -31.43
CA VAL B 132 3.86 -18.66 -31.52
C VAL B 132 4.21 -19.13 -32.93
N CYS B 133 5.00 -20.20 -32.97
CA CYS B 133 5.27 -20.99 -34.15
C CYS B 133 4.23 -20.96 -35.27
N GLY B 134 2.94 -21.00 -34.90
CA GLY B 134 1.82 -21.16 -35.85
C GLY B 134 1.64 -20.11 -36.92
N GLY B 135 0.78 -20.40 -37.90
CA GLY B 135 0.55 -19.52 -39.07
C GLY B 135 -0.73 -18.70 -39.13
N THR B 136 -1.03 -17.98 -38.04
CA THR B 136 -2.15 -17.02 -38.05
C THR B 136 -1.75 -15.72 -38.80
N THR B 137 -2.13 -15.67 -40.07
CA THR B 137 -1.97 -14.46 -40.90
C THR B 137 -3.02 -13.39 -40.48
N GLY B 138 -2.90 -12.92 -39.23
CA GLY B 138 -3.68 -11.77 -38.79
C GLY B 138 -3.12 -10.52 -39.45
N SER B 139 -3.93 -9.47 -39.49
CA SER B 139 -3.49 -8.17 -39.98
C SER B 139 -2.20 -7.66 -39.31
N SER B 140 -2.15 -7.75 -37.99
CA SER B 140 -0.99 -7.28 -37.21
C SER B 140 -0.17 -8.38 -36.56
N VAL B 141 0.99 -8.01 -36.04
CA VAL B 141 1.87 -8.91 -35.30
C VAL B 141 2.38 -8.24 -34.01
N THR B 142 2.31 -8.99 -32.91
CA THR B 142 2.76 -8.48 -31.62
C THR B 142 4.01 -9.22 -31.17
N LEU B 143 5.01 -8.46 -30.75
CA LEU B 143 6.25 -9.03 -30.22
C LEU B 143 6.41 -8.57 -28.78
N GLY B 144 7.29 -9.25 -28.04
CA GLY B 144 7.50 -8.88 -26.67
C GLY B 144 8.92 -8.99 -26.18
N CYS B 145 9.14 -8.49 -24.98
CA CYS B 145 10.44 -8.52 -24.34
C CYS B 145 10.22 -8.66 -22.84
N LEU B 146 10.90 -9.62 -22.23
CA LEU B 146 10.73 -9.94 -20.81
C LEU B 146 12.04 -9.58 -20.12
N VAL B 147 11.94 -8.77 -19.06
CA VAL B 147 13.11 -8.27 -18.34
C VAL B 147 12.95 -8.74 -16.92
N LYS B 148 13.68 -9.77 -16.51
CA LYS B 148 13.38 -10.38 -15.21
C LYS B 148 14.53 -10.52 -14.23
N GLY B 149 14.20 -10.37 -12.95
CA GLY B 149 15.12 -10.58 -11.83
C GLY B 149 16.15 -9.51 -11.57
N TYR B 150 15.75 -8.25 -11.61
CA TYR B 150 16.70 -7.15 -11.42
C TYR B 150 16.42 -6.29 -10.19
N PHE B 151 17.44 -5.54 -9.76
CA PHE B 151 17.33 -4.62 -8.64
C PHE B 151 18.50 -3.65 -8.68
N PRO B 152 18.25 -2.36 -8.37
CA PRO B 152 17.01 -1.67 -8.09
C PRO B 152 16.32 -1.21 -9.35
N GLU B 153 15.24 -0.44 -9.20
CA GLU B 153 14.71 0.36 -10.29
C GLU B 153 15.68 1.51 -10.55
N PRO B 154 15.66 2.09 -11.76
CA PRO B 154 14.79 1.76 -12.88
C PRO B 154 15.51 0.98 -13.97
N VAL B 155 14.76 0.76 -15.03
CA VAL B 155 15.25 0.12 -16.22
C VAL B 155 14.73 0.97 -17.38
N THR B 156 15.48 1.07 -18.45
CA THR B 156 15.02 1.75 -19.65
C THR B 156 14.88 0.70 -20.73
N LEU B 157 13.66 0.50 -21.18
CA LEU B 157 13.43 -0.37 -22.31
C LEU B 157 13.03 0.49 -23.51
N THR B 158 13.67 0.25 -24.65
CA THR B 158 13.20 0.84 -25.91
C THR B 158 13.23 -0.21 -27.00
N TRP B 159 12.50 0.06 -28.09
CA TRP B 159 12.49 -0.77 -29.28
C TRP B 159 13.24 -0.04 -30.40
N ASN B 160 14.17 -0.75 -31.04
CA ASN B 160 15.00 -0.19 -32.11
C ASN B 160 15.63 1.17 -31.75
N SER B 161 16.26 1.20 -30.57
CA SER B 161 16.86 2.42 -29.99
C SER B 161 15.88 3.59 -29.78
N GLY B 162 14.60 3.28 -29.60
CA GLY B 162 13.59 4.31 -29.37
C GLY B 162 13.01 4.86 -30.66
N SER B 163 13.59 4.49 -31.81
CA SER B 163 12.99 4.86 -33.10
C SER B 163 11.64 4.18 -33.34
N LEU B 164 11.40 3.02 -32.73
CA LEU B 164 10.09 2.40 -32.80
C LEU B 164 9.23 2.71 -31.56
N SER B 165 8.27 3.62 -31.72
CA SER B 165 7.53 4.22 -30.58
C SER B 165 6.03 3.91 -30.60
N SER B 166 5.42 3.91 -31.80
CA SER B 166 4.01 3.54 -31.95
C SER B 166 3.77 2.07 -31.63
N GLY B 167 2.63 1.79 -30.99
CA GLY B 167 2.21 0.42 -30.68
C GLY B 167 3.04 -0.29 -29.63
N VAL B 168 3.62 0.48 -28.71
CA VAL B 168 4.39 -0.03 -27.59
C VAL B 168 3.56 0.07 -26.30
N HIS B 169 3.65 -0.97 -25.49
CA HIS B 169 3.14 -0.93 -24.14
C HIS B 169 4.27 -1.47 -23.25
N THR B 170 4.85 -0.59 -22.44
CA THR B 170 5.79 -1.04 -21.45
C THR B 170 5.07 -1.06 -20.11
N PHE B 171 5.11 -2.21 -19.46
CA PHE B 171 4.34 -2.42 -18.26
C PHE B 171 5.13 -2.01 -17.02
N PRO B 172 4.44 -1.47 -16.02
CA PRO B 172 5.10 -1.24 -14.75
C PRO B 172 5.71 -2.52 -14.23
N ALA B 173 6.88 -2.40 -13.63
CA ALA B 173 7.57 -3.51 -13.01
C ALA B 173 6.84 -3.98 -11.76
N LEU B 174 7.00 -5.26 -11.45
CA LEU B 174 6.43 -5.86 -10.24
C LEU B 174 7.54 -6.49 -9.40
N LEU B 175 7.35 -6.46 -8.08
CA LEU B 175 8.37 -6.94 -7.19
C LEU B 175 7.92 -8.26 -6.61
N GLN B 176 8.67 -9.32 -6.86
CA GLN B 176 8.49 -10.55 -6.06
C GLN B 176 9.79 -11.21 -5.63
N SER B 177 9.89 -11.43 -4.31
CA SER B 177 11.10 -12.00 -3.69
C SER B 177 12.36 -11.12 -3.91
N GLY B 178 12.21 -9.80 -3.75
CA GLY B 178 13.33 -8.88 -3.77
C GLY B 178 13.82 -8.52 -5.16
N LEU B 179 13.13 -9.03 -6.20
CA LEU B 179 13.51 -8.76 -7.58
C LEU B 179 12.35 -8.25 -8.43
N TYR B 180 12.66 -7.27 -9.28
CA TYR B 180 11.69 -6.67 -10.21
C TYR B 180 11.65 -7.47 -11.52
N THR B 181 10.49 -7.40 -12.18
CA THR B 181 10.25 -8.08 -13.44
C THR B 181 9.34 -7.15 -14.25
N LEU B 182 9.65 -6.98 -15.52
CA LEU B 182 8.93 -6.03 -16.36
C LEU B 182 8.82 -6.59 -17.79
N SER B 183 7.78 -6.17 -18.51
CA SER B 183 7.62 -6.59 -19.90
C SER B 183 7.14 -5.44 -20.76
N SER B 184 7.37 -5.56 -22.06
CA SER B 184 6.96 -4.54 -22.99
C SER B 184 6.53 -5.28 -24.19
N SER B 185 5.44 -4.82 -24.80
CA SER B 185 4.96 -5.40 -26.03
C SER B 185 5.07 -4.38 -27.15
N VAL B 186 5.33 -4.85 -28.38
CA VAL B 186 5.24 -3.98 -29.55
C VAL B 186 4.42 -4.61 -30.67
N THR B 187 3.46 -3.84 -31.19
CA THR B 187 2.58 -4.27 -32.27
C THR B 187 2.84 -3.50 -33.58
N VAL B 188 3.27 -4.24 -34.59
CA VAL B 188 3.55 -3.68 -35.91
C VAL B 188 2.68 -4.39 -36.95
N THR B 189 2.68 -3.87 -38.17
CA THR B 189 1.94 -4.52 -39.25
C THR B 189 2.62 -5.82 -39.64
N SER B 190 1.83 -6.76 -40.13
CA SER B 190 2.32 -8.03 -40.66
C SER B 190 3.48 -7.88 -41.65
N ASN B 191 3.42 -6.82 -42.47
CA ASN B 191 4.46 -6.49 -43.45
C ASN B 191 5.80 -6.21 -42.81
N THR B 192 5.78 -5.48 -41.70
CA THR B 192 6.99 -5.07 -40.99
C THR B 192 7.89 -6.24 -40.56
N TRP B 193 7.35 -7.12 -39.72
CA TRP B 193 8.12 -8.19 -39.11
C TRP B 193 7.61 -9.53 -39.66
N PRO B 194 8.50 -10.52 -39.87
CA PRO B 194 9.93 -10.59 -39.55
C PRO B 194 10.87 -9.91 -40.54
N SER B 195 10.31 -9.37 -41.63
CA SER B 195 11.14 -8.87 -42.72
C SER B 195 11.97 -7.64 -42.33
N GLN B 196 11.64 -6.98 -41.23
CA GLN B 196 12.54 -5.97 -40.66
C GLN B 196 12.98 -6.38 -39.28
N THR B 197 14.28 -6.28 -39.03
CA THR B 197 14.80 -6.66 -37.74
C THR B 197 14.19 -5.72 -36.68
N ILE B 198 13.65 -6.29 -35.61
CA ILE B 198 13.19 -5.55 -34.42
C ILE B 198 13.99 -5.98 -33.18
N THR B 199 14.50 -5.00 -32.45
CA THR B 199 15.37 -5.26 -31.30
C THR B 199 14.84 -4.60 -30.03
N CYS B 200 14.78 -5.39 -28.97
CA CYS B 200 14.53 -4.90 -27.63
C CYS B 200 15.84 -4.35 -27.03
N ASN B 201 15.82 -3.09 -26.60
CA ASN B 201 16.97 -2.46 -25.95
C ASN B 201 16.69 -2.18 -24.48
N VAL B 202 17.52 -2.77 -23.62
CA VAL B 202 17.31 -2.66 -22.19
C VAL B 202 18.57 -2.16 -21.45
N ALA B 203 18.42 -1.08 -20.68
CA ALA B 203 19.51 -0.52 -19.87
C ALA B 203 19.14 -0.58 -18.40
N HIS B 204 20.04 -1.12 -17.60
CA HIS B 204 19.87 -1.08 -16.16
C HIS B 204 21.13 -0.40 -15.59
N PRO B 205 21.08 0.94 -15.48
CA PRO B 205 22.21 1.78 -15.06
C PRO B 205 22.98 1.20 -13.88
N ALA B 206 22.28 0.94 -12.78
CA ALA B 206 22.88 0.43 -11.54
C ALA B 206 23.82 -0.76 -11.73
N SER B 207 23.53 -1.63 -12.70
CA SER B 207 24.38 -2.79 -12.94
C SER B 207 25.28 -2.63 -14.15
N SER B 208 25.22 -1.45 -14.80
CA SER B 208 25.97 -1.17 -16.06
C SER B 208 25.59 -2.12 -17.20
N THR B 209 24.40 -2.70 -17.11
CA THR B 209 23.88 -3.60 -18.11
C THR B 209 23.28 -2.80 -19.24
N LYS B 210 23.63 -3.21 -20.46
CA LYS B 210 23.02 -2.69 -21.68
C LYS B 210 23.02 -3.83 -22.70
N VAL B 211 21.84 -4.32 -23.04
CA VAL B 211 21.72 -5.45 -23.93
C VAL B 211 20.72 -5.22 -25.04
N ASP B 212 21.03 -5.77 -26.21
CA ASP B 212 20.15 -5.72 -27.36
C ASP B 212 19.71 -7.13 -27.74
N LYS B 213 18.46 -7.46 -27.46
CA LYS B 213 17.89 -8.71 -27.91
C LYS B 213 17.13 -8.55 -29.21
N LYS B 214 17.56 -9.27 -30.25
CA LYS B 214 16.84 -9.27 -31.51
C LYS B 214 15.67 -10.23 -31.37
N ILE B 215 14.51 -9.79 -31.83
CA ILE B 215 13.36 -10.67 -31.84
C ILE B 215 13.42 -11.48 -33.11
N GLU B 216 13.45 -12.80 -32.96
CA GLU B 216 13.58 -13.67 -34.12
C GLU B 216 12.59 -14.83 -34.14
N PRO B 217 12.11 -15.23 -35.35
CA PRO B 217 11.09 -16.27 -35.50
C PRO B 217 11.57 -17.57 -34.86
N ARG B 218 10.71 -18.24 -34.11
CA ARG B 218 11.14 -19.38 -33.29
C ARG B 218 11.12 -20.75 -33.97
N GLY B 219 11.59 -21.77 -33.24
CA GLY B 219 11.51 -23.17 -33.61
C GLY B 219 11.96 -23.41 -35.02
N ASP C 1 19.83 11.63 12.63
CA ASP C 1 19.00 10.60 13.30
C ASP C 1 19.65 9.25 13.23
N VAL C 2 19.42 8.43 14.24
CA VAL C 2 19.92 7.05 14.20
C VAL C 2 18.93 6.20 13.42
N VAL C 3 19.47 5.34 12.55
CA VAL C 3 18.63 4.43 11.80
C VAL C 3 18.81 3.01 12.32
N MET C 4 17.70 2.36 12.64
CA MET C 4 17.70 1.00 13.13
C MET C 4 17.24 0.09 12.01
N THR C 5 18.13 -0.76 11.55
CA THR C 5 17.82 -1.67 10.48
C THR C 5 17.61 -3.08 11.06
N GLN C 6 16.37 -3.60 11.01
CA GLN C 6 16.06 -4.97 11.48
C GLN C 6 16.09 -6.05 10.41
N THR C 7 16.54 -7.24 10.80
CA THR C 7 16.46 -8.44 9.95
C THR C 7 16.12 -9.73 10.73
N PRO C 8 15.35 -10.65 10.10
CA PRO C 8 14.64 -10.45 8.82
C PRO C 8 13.34 -9.72 9.14
N LEU C 9 12.55 -9.34 8.12
CA LEU C 9 11.26 -8.68 8.38
C LEU C 9 10.24 -9.66 8.93
N THR C 10 10.31 -10.90 8.47
CA THR C 10 9.44 -11.93 8.99
C THR C 10 10.23 -13.22 9.21
N LEU C 11 9.97 -13.89 10.33
CA LEU C 11 10.71 -15.09 10.70
C LEU C 11 9.76 -16.22 11.13
N SER C 12 9.88 -17.36 10.47
CA SER C 12 8.92 -18.45 10.67
C SER C 12 9.60 -19.63 11.33
N VAL C 13 9.11 -20.02 12.51
CA VAL C 13 9.81 -21.00 13.35
C VAL C 13 8.85 -22.05 13.95
N THR C 14 9.36 -23.24 14.23
CA THR C 14 8.56 -24.29 14.87
C THR C 14 8.65 -24.17 16.38
N ILE C 15 7.55 -24.52 17.09
CA ILE C 15 7.56 -24.46 18.55
C ILE C 15 8.79 -25.19 19.12
N GLY C 16 9.38 -24.61 20.16
CA GLY C 16 10.51 -25.25 20.82
C GLY C 16 11.83 -24.91 20.17
N GLN C 17 11.80 -24.50 18.90
CA GLN C 17 13.03 -24.17 18.19
C GLN C 17 13.50 -22.76 18.51
N PRO C 18 14.82 -22.51 18.39
CA PRO C 18 15.33 -21.17 18.68
C PRO C 18 14.98 -20.10 17.64
N ALA C 19 15.03 -18.85 18.06
CA ALA C 19 14.79 -17.72 17.18
C ALA C 19 15.81 -16.64 17.42
N SER C 20 16.23 -16.00 16.34
CA SER C 20 17.29 -15.02 16.38
C SER C 20 16.90 -13.83 15.53
N ILE C 21 16.72 -12.67 16.16
CA ILE C 21 16.35 -11.43 15.45
C ILE C 21 17.47 -10.38 15.58
N SER C 22 17.85 -9.76 14.48
CA SER C 22 18.95 -8.79 14.52
C SER C 22 18.52 -7.37 14.22
N CYS C 23 19.26 -6.45 14.82
CA CYS C 23 19.01 -5.05 14.63
C CYS C 23 20.34 -4.30 14.64
N ARG C 24 20.58 -3.56 13.58
CA ARG C 24 21.85 -2.87 13.38
C ARG C 24 21.66 -1.36 13.29
N SER C 25 22.52 -0.59 13.96
CA SER C 25 22.32 0.86 14.01
C SER C 25 23.36 1.65 13.22
N SER C 26 22.95 2.79 12.70
CA SER C 26 23.79 3.63 11.84
C SER C 26 24.89 4.35 12.59
N GLN C 27 24.78 4.44 13.91
CA GLN C 27 25.88 4.91 14.74
C GLN C 27 25.98 4.21 16.07
N SER C 28 27.08 4.45 16.76
CA SER C 28 27.30 3.87 18.08
C SER C 28 26.16 4.27 18.99
N LEU C 29 25.74 3.32 19.83
CA LEU C 29 24.69 3.60 20.80
C LEU C 29 25.24 3.68 22.24
N LEU C 30 26.56 3.75 22.38
CA LEU C 30 27.22 4.05 23.65
C LEU C 30 26.81 5.40 24.14
N TYR C 31 26.33 5.46 25.38
CA TYR C 31 25.91 6.72 26.00
C TYR C 31 27.12 7.37 26.67
N ILE C 32 26.97 8.61 27.10
CA ILE C 32 28.09 9.36 27.71
C ILE C 32 28.65 8.73 28.99
N ASN C 33 27.86 7.87 29.61
CA ASN C 33 28.26 7.10 30.78
C ASN C 33 28.74 5.70 30.42
N GLY C 34 28.73 5.40 29.12
CA GLY C 34 29.24 4.14 28.61
C GLY C 34 28.26 2.98 28.62
N LYS C 35 26.98 3.26 28.84
CA LYS C 35 25.93 2.24 28.76
C LYS C 35 25.20 2.34 27.42
N THR C 36 24.67 1.21 26.95
CA THR C 36 24.10 1.19 25.62
C THR C 36 22.57 1.07 25.66
N HIS C 37 21.89 2.14 25.24
CA HIS C 37 20.44 2.21 25.34
C HIS C 37 19.75 1.55 24.19
N LEU C 38 19.89 0.23 24.13
CA LEU C 38 19.20 -0.55 23.14
C LEU C 38 18.07 -1.35 23.77
N ASN C 39 16.85 -1.12 23.27
CA ASN C 39 15.63 -1.71 23.84
C ASN C 39 14.96 -2.70 22.89
N TRP C 40 14.36 -3.77 23.41
CA TRP C 40 13.59 -4.67 22.53
C TRP C 40 12.14 -4.80 23.00
N LEU C 41 11.20 -4.67 22.07
CA LEU C 41 9.77 -4.77 22.41
C LEU C 41 9.05 -5.86 21.63
N LEU C 42 8.01 -6.41 22.24
CA LEU C 42 7.11 -7.32 21.55
C LEU C 42 5.73 -6.69 21.49
N GLN C 43 5.11 -6.75 20.32
CA GLN C 43 3.72 -6.34 20.16
C GLN C 43 2.87 -7.53 19.71
N ARG C 44 2.02 -8.01 20.61
CA ARG C 44 1.19 -9.17 20.35
C ARG C 44 -0.11 -8.67 19.69
N PRO C 45 -0.70 -9.46 18.75
CA PRO C 45 -1.92 -9.07 18.04
C PRO C 45 -3.00 -8.40 18.91
N GLY C 46 -3.47 -7.24 18.47
CA GLY C 46 -4.49 -6.47 19.19
C GLY C 46 -4.00 -5.70 20.41
N GLN C 47 -2.79 -6.00 20.87
CA GLN C 47 -2.23 -5.31 22.03
C GLN C 47 -1.27 -4.21 21.60
N SER C 48 -0.96 -3.30 22.53
CA SER C 48 0.07 -2.31 22.29
C SER C 48 1.47 -2.86 22.66
N PRO C 49 2.54 -2.26 22.13
CA PRO C 49 3.85 -2.84 22.37
C PRO C 49 4.20 -2.94 23.86
N LYS C 50 5.11 -3.85 24.22
CA LYS C 50 5.59 -3.95 25.60
C LYS C 50 7.09 -4.23 25.58
N ARG C 51 7.84 -3.56 26.44
CA ARG C 51 9.30 -3.73 26.43
C ARG C 51 9.71 -5.01 27.16
N LEU C 52 10.60 -5.74 26.49
CA LEU C 52 11.08 -7.03 26.97
C LEU C 52 12.50 -6.92 27.48
N ILE C 53 13.35 -6.33 26.66
CA ILE C 53 14.76 -6.18 27.00
C ILE C 53 15.16 -4.72 26.92
N TYR C 54 15.97 -4.31 27.89
CA TYR C 54 16.53 -2.97 27.90
C TYR C 54 18.02 -3.04 28.25
N LEU C 55 18.75 -1.98 27.87
CA LEU C 55 20.19 -1.93 27.99
C LEU C 55 20.90 -3.13 27.34
N VAL C 56 20.47 -3.48 26.11
CA VAL C 56 21.08 -4.58 25.33
C VAL C 56 20.67 -5.96 25.83
N SER C 57 20.90 -6.23 27.13
CA SER C 57 20.76 -7.58 27.66
C SER C 57 19.93 -7.77 28.94
N LYS C 58 19.36 -6.71 29.50
CA LYS C 58 18.64 -6.84 30.78
C LYS C 58 17.15 -7.05 30.56
N LEU C 59 16.60 -8.10 31.19
CA LEU C 59 15.19 -8.46 31.03
C LEU C 59 14.29 -7.57 31.91
N ASP C 60 13.12 -7.15 31.40
CA ASP C 60 12.12 -6.47 32.25
C ASP C 60 11.49 -7.48 33.21
N SER C 61 10.83 -7.00 34.26
CA SER C 61 10.12 -7.87 35.19
C SER C 61 9.34 -9.02 34.58
N GLY C 62 9.54 -10.19 35.16
CA GLY C 62 8.76 -11.36 34.81
C GLY C 62 8.76 -11.76 33.34
N VAL C 63 9.74 -11.29 32.60
CA VAL C 63 9.97 -11.74 31.22
C VAL C 63 10.75 -13.06 31.31
N PRO C 64 10.25 -14.14 30.66
CA PRO C 64 10.92 -15.46 30.81
C PRO C 64 12.36 -15.49 30.28
N ASP C 65 13.17 -16.41 30.85
CA ASP C 65 14.61 -16.54 30.54
C ASP C 65 14.92 -17.12 29.17
N ARG C 66 13.89 -17.58 28.46
CA ARG C 66 14.05 -17.96 27.08
C ARG C 66 14.54 -16.78 26.26
N PHE C 67 14.23 -15.56 26.74
CA PHE C 67 14.67 -14.32 26.08
C PHE C 67 16.04 -13.87 26.55
N SER C 68 16.83 -13.43 25.59
CA SER C 68 18.14 -12.84 25.86
C SER C 68 18.51 -11.90 24.73
N GLY C 69 19.36 -10.93 25.06
CA GLY C 69 19.86 -9.92 24.12
C GLY C 69 21.38 -9.80 24.19
N SER C 70 22.02 -9.62 23.04
CA SER C 70 23.45 -9.37 23.00
C SER C 70 23.77 -8.28 21.99
N GLY C 71 24.85 -7.57 22.23
CA GLY C 71 25.20 -6.45 21.40
C GLY C 71 26.68 -6.37 21.26
N SER C 72 27.13 -6.19 20.03
CA SER C 72 28.53 -5.85 19.76
C SER C 72 28.64 -4.62 18.83
N GLY C 73 28.72 -3.44 19.45
CA GLY C 73 29.10 -2.23 18.76
C GLY C 73 27.87 -1.59 18.20
N THR C 74 27.64 -1.84 16.91
CA THR C 74 26.49 -1.28 16.21
C THR C 74 25.51 -2.37 15.80
N ASP C 75 25.80 -3.60 16.23
CA ASP C 75 25.01 -4.79 15.94
C ASP C 75 24.38 -5.37 17.21
N PHE C 76 23.08 -5.62 17.16
CA PHE C 76 22.34 -6.10 18.35
C PHE C 76 21.41 -7.25 18.03
N THR C 77 21.36 -8.25 18.91
CA THR C 77 20.57 -9.45 18.64
C THR C 77 19.70 -9.93 19.82
N LEU C 78 18.41 -10.05 19.57
CA LEU C 78 17.50 -10.76 20.46
C LEU C 78 17.49 -12.24 20.08
N LYS C 79 17.45 -13.10 21.09
CA LYS C 79 17.39 -14.55 20.91
C LYS C 79 16.33 -15.14 21.81
N ILE C 80 15.57 -16.08 21.28
CA ILE C 80 14.62 -16.85 22.07
C ILE C 80 15.11 -18.28 22.08
N SER C 81 15.40 -18.80 23.27
CA SER C 81 15.97 -20.16 23.36
C SER C 81 15.05 -21.22 22.74
N ARG C 82 13.78 -21.16 23.12
CA ARG C 82 12.77 -22.01 22.53
C ARG C 82 11.49 -21.22 22.39
N VAL C 83 11.03 -21.06 21.15
CA VAL C 83 9.80 -20.31 20.90
C VAL C 83 8.58 -21.04 21.42
N GLU C 84 7.68 -20.28 22.05
CA GLU C 84 6.41 -20.79 22.58
C GLU C 84 5.27 -19.96 22.00
N ALA C 85 4.05 -20.51 22.03
CA ALA C 85 2.85 -19.78 21.57
C ALA C 85 2.91 -18.28 21.87
N GLU C 86 3.03 -17.94 23.15
CA GLU C 86 3.03 -16.54 23.63
C GLU C 86 4.00 -15.55 22.99
N ASP C 87 4.97 -16.08 22.26
CA ASP C 87 6.03 -15.26 21.69
C ASP C 87 5.63 -14.62 20.38
N LEU C 88 4.54 -15.08 19.79
CA LEU C 88 4.15 -14.65 18.44
C LEU C 88 3.79 -13.17 18.44
N GLY C 89 4.14 -12.48 17.36
CA GLY C 89 3.79 -11.06 17.19
C GLY C 89 4.91 -10.32 16.46
N ILE C 90 5.00 -9.00 16.66
CA ILE C 90 6.03 -8.22 16.01
C ILE C 90 7.09 -7.74 16.99
N TYR C 91 8.35 -8.03 16.70
CA TYR C 91 9.42 -7.53 17.54
C TYR C 91 10.06 -6.26 16.94
N PHE C 92 10.18 -5.23 17.78
CA PHE C 92 10.89 -4.00 17.42
C PHE C 92 12.11 -3.78 18.31
N CYS C 93 13.25 -3.42 17.72
CA CYS C 93 14.34 -2.82 18.48
C CYS C 93 14.10 -1.32 18.59
N LEU C 94 14.63 -0.70 19.65
CA LEU C 94 14.47 0.73 19.89
C LEU C 94 15.71 1.31 20.55
N GLN C 95 16.39 2.26 19.89
CA GLN C 95 17.48 3.00 20.54
C GLN C 95 16.95 4.18 21.32
N SER C 96 17.45 4.37 22.54
CA SER C 96 17.08 5.55 23.33
C SER C 96 18.33 6.27 23.80
N THR C 97 19.41 6.07 23.06
CA THR C 97 20.71 6.66 23.35
C THR C 97 20.74 8.12 22.89
N HIS C 98 20.34 8.35 21.64
CA HIS C 98 20.35 9.67 21.03
C HIS C 98 18.94 10.05 20.64
N PHE C 99 18.67 11.35 20.65
CA PHE C 99 17.36 11.86 20.31
C PHE C 99 17.42 12.32 18.88
N PRO C 100 16.36 12.05 18.09
CA PRO C 100 15.12 11.42 18.53
C PRO C 100 15.29 9.93 18.75
N LEU C 101 14.40 9.34 19.56
CA LEU C 101 14.31 7.86 19.65
C LEU C 101 13.85 7.27 18.32
N THR C 102 14.45 6.17 17.90
CA THR C 102 14.11 5.58 16.59
C THR C 102 13.93 4.08 16.73
N PHE C 103 13.09 3.51 15.86
CA PHE C 103 12.76 2.09 15.88
C PHE C 103 13.24 1.36 14.63
N GLY C 104 13.42 0.04 14.74
CA GLY C 104 13.50 -0.82 13.57
C GLY C 104 12.12 -0.98 12.94
N ALA C 105 12.08 -1.57 11.74
CA ALA C 105 10.83 -1.74 11.01
C ALA C 105 9.88 -2.72 11.69
N GLY C 106 10.42 -3.63 12.48
CA GLY C 106 9.65 -4.71 13.11
C GLY C 106 10.00 -6.04 12.48
N THR C 107 9.93 -7.12 13.26
CA THR C 107 10.09 -8.48 12.75
C THR C 107 8.87 -9.31 13.15
N LYS C 108 8.16 -9.90 12.16
CA LYS C 108 6.97 -10.75 12.42
C LYS C 108 7.39 -12.19 12.72
N LEU C 109 7.14 -12.64 13.94
CA LEU C 109 7.53 -13.99 14.32
C LEU C 109 6.34 -14.90 14.14
N GLU C 110 6.44 -15.77 13.14
CA GLU C 110 5.39 -16.69 12.78
C GLU C 110 5.73 -18.09 13.24
N LEU C 111 4.70 -18.91 13.39
CA LEU C 111 4.89 -20.27 13.81
C LEU C 111 4.70 -21.19 12.61
N LYS C 112 5.49 -22.27 12.57
CA LYS C 112 5.37 -23.28 11.51
C LYS C 112 4.64 -24.51 11.99
N ARG C 113 3.87 -25.09 11.07
CA ARG C 113 3.16 -26.37 11.29
C ARG C 113 2.78 -27.16 10.02
N ALA C 114 2.23 -28.35 10.23
CA ALA C 114 1.85 -29.23 9.14
C ALA C 114 0.79 -28.57 8.26
N ASP C 115 0.89 -28.78 6.95
CA ASP C 115 -0.22 -28.39 6.04
C ASP C 115 -1.57 -28.84 6.59
N ALA C 116 -2.59 -28.02 6.46
CA ALA C 116 -3.92 -28.38 6.92
C ALA C 116 -5.02 -27.84 6.00
N ALA C 117 -6.03 -28.66 5.71
CA ALA C 117 -7.14 -28.28 4.83
C ALA C 117 -8.20 -27.39 5.51
N PRO C 118 -8.78 -26.43 4.77
CA PRO C 118 -9.76 -25.51 5.33
C PRO C 118 -11.08 -26.19 5.71
N THR C 119 -11.79 -25.60 6.66
CA THR C 119 -13.15 -26.01 6.94
C THR C 119 -14.06 -24.93 6.34
N VAL C 120 -14.78 -25.35 5.30
CA VAL C 120 -15.51 -24.45 4.45
C VAL C 120 -16.98 -24.45 4.79
N SER C 121 -17.52 -23.27 4.99
CA SER C 121 -18.94 -23.11 5.20
C SER C 121 -19.42 -22.01 4.26
N ILE C 122 -20.49 -22.28 3.52
CA ILE C 122 -21.10 -21.24 2.67
C ILE C 122 -22.41 -20.71 3.32
N PHE C 123 -22.64 -19.42 3.16
CA PHE C 123 -23.79 -18.72 3.76
C PHE C 123 -24.51 -17.88 2.71
N PRO C 124 -25.76 -18.30 2.36
CA PRO C 124 -26.60 -17.47 1.51
C PRO C 124 -26.84 -16.13 2.18
N PRO C 125 -27.28 -15.12 1.41
CA PRO C 125 -27.65 -13.90 2.09
C PRO C 125 -28.79 -14.14 3.10
N SER C 126 -28.73 -13.42 4.22
CA SER C 126 -29.80 -13.43 5.20
C SER C 126 -31.06 -12.79 4.63
N SER C 127 -32.22 -13.21 5.15
CA SER C 127 -33.48 -12.64 4.67
C SER C 127 -33.60 -11.15 4.98
N GLU C 128 -32.87 -10.68 5.98
CA GLU C 128 -32.83 -9.24 6.27
C GLU C 128 -32.15 -8.45 5.14
N GLN C 129 -31.00 -8.95 4.68
CA GLN C 129 -30.31 -8.29 3.58
C GLN C 129 -31.18 -8.24 2.33
N LEU C 130 -31.91 -9.31 2.09
CA LEU C 130 -32.81 -9.33 0.95
C LEU C 130 -33.94 -8.32 1.08
N THR C 131 -34.50 -8.18 2.28
CA THR C 131 -35.50 -7.16 2.52
C THR C 131 -34.90 -5.78 2.28
N SER C 132 -33.65 -5.60 2.70
CA SER C 132 -32.89 -4.38 2.46
C SER C 132 -32.70 -4.03 0.97
N GLY C 133 -32.80 -5.02 0.09
CA GLY C 133 -32.54 -4.81 -1.34
C GLY C 133 -31.16 -5.24 -1.78
N GLY C 134 -30.30 -5.64 -0.83
CA GLY C 134 -28.95 -6.12 -1.14
C GLY C 134 -28.81 -7.64 -1.09
N ALA C 135 -27.63 -8.14 -1.46
CA ALA C 135 -27.34 -9.59 -1.42
C ALA C 135 -25.85 -9.95 -1.45
N SER C 136 -25.36 -10.51 -0.34
CA SER C 136 -23.98 -10.94 -0.20
C SER C 136 -23.91 -12.42 0.12
N VAL C 137 -23.03 -13.13 -0.57
CA VAL C 137 -22.79 -14.53 -0.20
C VAL C 137 -21.43 -14.58 0.48
N VAL C 138 -21.42 -15.18 1.68
CA VAL C 138 -20.23 -15.22 2.50
C VAL C 138 -19.72 -16.63 2.59
N CYS C 139 -18.40 -16.77 2.52
CA CYS C 139 -17.76 -18.07 2.65
C CYS C 139 -16.60 -18.01 3.64
N PHE C 140 -16.58 -18.96 4.57
CA PHE C 140 -15.47 -19.06 5.50
C PHE C 140 -14.60 -20.27 5.18
N LEU C 141 -13.30 -20.02 5.09
CA LEU C 141 -12.32 -21.06 4.89
C LEU C 141 -11.49 -21.05 6.16
N ASN C 142 -11.81 -21.97 7.07
CA ASN C 142 -11.31 -21.91 8.44
C ASN C 142 -10.22 -22.92 8.80
N ASN C 143 -9.29 -22.45 9.63
CA ASN C 143 -8.26 -23.30 10.24
C ASN C 143 -7.46 -24.13 9.27
N PHE C 144 -6.91 -23.47 8.25
CA PHE C 144 -6.08 -24.10 7.24
C PHE C 144 -4.64 -23.63 7.35
N TYR C 145 -3.76 -24.27 6.60
CA TYR C 145 -2.35 -23.90 6.57
C TYR C 145 -1.71 -24.54 5.32
N PRO C 146 -0.75 -23.82 4.68
CA PRO C 146 -0.26 -22.48 4.99
C PRO C 146 -1.22 -21.37 4.59
N ARG C 147 -0.80 -20.12 4.81
CA ARG C 147 -1.62 -18.93 4.58
C ARG C 147 -2.14 -18.83 3.14
N ASP C 148 -1.25 -19.12 2.19
CA ASP C 148 -1.59 -19.27 0.76
C ASP C 148 -2.79 -20.18 0.53
N ILE C 149 -3.82 -19.63 -0.10
CA ILE C 149 -5.02 -20.37 -0.49
C ILE C 149 -5.89 -19.52 -1.44
N ASN C 150 -6.61 -20.19 -2.31
CA ASN C 150 -7.46 -19.53 -3.29
C ASN C 150 -8.94 -19.89 -3.16
N VAL C 151 -9.82 -18.93 -3.46
CA VAL C 151 -11.23 -19.22 -3.47
C VAL C 151 -11.75 -19.06 -4.88
N LYS C 152 -12.49 -20.07 -5.35
CA LYS C 152 -13.28 -19.96 -6.57
C LYS C 152 -14.74 -19.86 -6.16
N TRP C 153 -15.45 -18.90 -6.74
CA TRP C 153 -16.90 -18.83 -6.64
C TRP C 153 -17.48 -19.22 -8.00
N LYS C 154 -18.57 -19.99 -7.96
CA LYS C 154 -19.26 -20.39 -9.18
C LYS C 154 -20.77 -20.18 -9.01
N ILE C 155 -21.36 -19.41 -9.91
CA ILE C 155 -22.79 -19.20 -9.97
C ILE C 155 -23.30 -19.91 -11.22
N ASP C 156 -24.28 -20.81 -11.03
CA ASP C 156 -24.83 -21.63 -12.12
C ASP C 156 -23.74 -22.15 -13.05
N GLY C 157 -22.69 -22.68 -12.45
CA GLY C 157 -21.62 -23.35 -13.16
C GLY C 157 -20.63 -22.49 -13.90
N SER C 158 -20.68 -21.17 -13.71
CA SER C 158 -19.65 -20.29 -14.31
C SER C 158 -18.85 -19.57 -13.26
N GLU C 159 -17.54 -19.53 -13.47
CA GLU C 159 -16.63 -18.89 -12.55
C GLU C 159 -16.92 -17.38 -12.46
N ARG C 160 -16.76 -16.85 -11.27
CA ARG C 160 -17.09 -15.46 -11.02
C ARG C 160 -15.96 -14.77 -10.26
N GLN C 161 -15.35 -13.75 -10.86
CA GLN C 161 -14.28 -13.02 -10.17
C GLN C 161 -14.72 -11.66 -9.66
N ASN C 162 -15.58 -11.00 -10.43
CA ASN C 162 -16.10 -9.68 -10.08
C ASN C 162 -16.84 -9.62 -8.75
N GLY C 163 -16.49 -8.60 -7.95
CA GLY C 163 -17.18 -8.29 -6.71
C GLY C 163 -16.91 -9.26 -5.59
N VAL C 164 -15.67 -9.74 -5.51
CA VAL C 164 -15.23 -10.68 -4.47
C VAL C 164 -14.25 -9.98 -3.55
N LEU C 165 -14.44 -10.08 -2.24
CA LEU C 165 -13.44 -9.55 -1.31
C LEU C 165 -13.05 -10.59 -0.27
N ASN C 166 -11.76 -10.59 0.07
CA ASN C 166 -11.16 -11.61 0.91
C ASN C 166 -10.43 -11.00 2.08
N SER C 167 -10.68 -11.50 3.28
CA SER C 167 -9.98 -11.06 4.48
C SER C 167 -9.35 -12.23 5.22
N TRP C 168 -8.06 -12.12 5.54
CA TRP C 168 -7.33 -13.15 6.27
C TRP C 168 -7.24 -12.73 7.73
N THR C 169 -7.37 -13.68 8.65
CA THR C 169 -7.07 -13.41 10.05
C THR C 169 -5.57 -13.51 10.24
N ASP C 170 -5.11 -13.10 11.42
CA ASP C 170 -3.73 -13.34 11.83
C ASP C 170 -3.60 -14.80 12.20
N GLN C 171 -2.35 -15.23 12.42
CA GLN C 171 -2.07 -16.61 12.76
C GLN C 171 -2.70 -16.88 14.10
N ASP C 172 -3.40 -18.02 14.20
CA ASP C 172 -4.08 -18.46 15.40
C ASP C 172 -3.08 -18.96 16.44
N SER C 173 -3.12 -18.36 17.63
CA SER C 173 -2.27 -18.79 18.76
C SER C 173 -2.44 -20.27 19.09
N LYS C 174 -3.69 -20.73 19.18
CA LYS C 174 -3.99 -22.09 19.66
C LYS C 174 -3.36 -23.15 18.75
N ASP C 175 -3.57 -23.06 17.43
CA ASP C 175 -3.20 -24.16 16.50
C ASP C 175 -2.29 -23.78 15.31
N SER C 176 -1.91 -22.50 15.26
CA SER C 176 -1.00 -21.99 14.24
C SER C 176 -1.61 -21.91 12.84
N THR C 177 -2.94 -22.00 12.77
CA THR C 177 -3.60 -21.97 11.47
C THR C 177 -4.01 -20.55 11.12
N TYR C 178 -4.41 -20.36 9.87
CA TYR C 178 -4.93 -19.12 9.35
C TYR C 178 -6.34 -19.39 8.91
N SER C 179 -7.18 -18.36 8.95
CA SER C 179 -8.54 -18.45 8.46
C SER C 179 -8.85 -17.27 7.52
N MET C 180 -9.77 -17.50 6.59
CA MET C 180 -10.06 -16.54 5.54
C MET C 180 -11.57 -16.47 5.25
N SER C 181 -12.03 -15.25 5.00
CA SER C 181 -13.44 -14.97 4.75
C SER C 181 -13.61 -14.35 3.37
N SER C 182 -14.49 -14.92 2.57
CA SER C 182 -14.66 -14.49 1.18
C SER C 182 -16.08 -14.03 0.97
N THR C 183 -16.23 -12.79 0.58
CA THR C 183 -17.55 -12.21 0.42
C THR C 183 -17.82 -11.95 -1.05
N LEU C 184 -18.90 -12.51 -1.56
CA LEU C 184 -19.35 -12.23 -2.92
C LEU C 184 -20.54 -11.26 -2.87
N THR C 185 -20.34 -10.05 -3.39
CA THR C 185 -21.37 -9.01 -3.35
C THR C 185 -22.17 -8.92 -4.67
N LEU C 186 -23.49 -8.98 -4.56
CA LEU C 186 -24.36 -8.95 -5.70
C LEU C 186 -25.48 -7.95 -5.51
N THR C 187 -26.29 -7.76 -6.55
CA THR C 187 -27.54 -7.08 -6.40
C THR C 187 -28.58 -8.14 -6.05
N LYS C 188 -29.64 -7.76 -5.35
CA LYS C 188 -30.78 -8.67 -5.15
C LYS C 188 -31.20 -9.27 -6.51
N ASP C 189 -31.46 -8.42 -7.51
CA ASP C 189 -31.91 -8.86 -8.84
C ASP C 189 -31.04 -9.92 -9.43
N GLU C 190 -29.73 -9.71 -9.34
CA GLU C 190 -28.79 -10.67 -9.87
C GLU C 190 -28.85 -12.00 -9.12
N TYR C 191 -28.84 -11.91 -7.79
CA TYR C 191 -28.89 -13.10 -6.96
C TYR C 191 -30.16 -13.89 -7.25
N GLU C 192 -31.27 -13.18 -7.47
CA GLU C 192 -32.52 -13.83 -7.76
C GLU C 192 -32.57 -14.39 -9.17
N ARG C 193 -31.71 -13.88 -10.05
CA ARG C 193 -31.59 -14.36 -11.41
C ARG C 193 -30.95 -15.74 -11.51
N HIS C 194 -30.16 -16.15 -10.51
CA HIS C 194 -29.44 -17.42 -10.57
C HIS C 194 -29.78 -18.35 -9.41
N ASN C 195 -29.23 -19.56 -9.39
CA ASN C 195 -29.68 -20.55 -8.42
C ASN C 195 -28.62 -21.38 -7.69
N SER C 196 -27.58 -21.79 -8.41
CA SER C 196 -26.53 -22.59 -7.81
C SER C 196 -25.37 -21.70 -7.40
N TYR C 197 -25.05 -21.74 -6.11
CA TYR C 197 -23.93 -20.96 -5.56
C TYR C 197 -22.93 -21.91 -4.94
N THR C 198 -21.67 -21.71 -5.30
CA THR C 198 -20.60 -22.64 -5.00
C THR C 198 -19.34 -21.91 -4.54
N CYS C 199 -18.76 -22.39 -3.45
CA CYS C 199 -17.53 -21.86 -2.90
C CYS C 199 -16.48 -22.97 -2.91
N GLU C 200 -15.34 -22.75 -3.56
CA GLU C 200 -14.27 -23.75 -3.62
C GLU C 200 -12.99 -23.24 -2.96
N ALA C 201 -12.33 -24.09 -2.18
CA ALA C 201 -11.06 -23.75 -1.60
C ALA C 201 -9.99 -24.66 -2.17
N THR C 202 -9.00 -24.08 -2.85
CA THR C 202 -7.89 -24.87 -3.37
C THR C 202 -6.57 -24.23 -2.98
N HIS C 203 -5.56 -25.06 -2.73
CA HIS C 203 -4.21 -24.53 -2.56
C HIS C 203 -3.38 -24.78 -3.80
N LYS C 204 -3.46 -25.98 -4.37
CA LYS C 204 -2.75 -26.23 -5.63
C LYS C 204 -3.44 -27.27 -6.49
N THR C 205 -3.24 -27.09 -7.79
CA THR C 205 -3.85 -27.93 -8.83
C THR C 205 -3.98 -29.39 -8.43
N SER C 206 -2.91 -29.96 -7.88
CA SER C 206 -2.87 -31.39 -7.53
C SER C 206 -3.51 -31.82 -6.19
N THR C 207 -4.20 -30.89 -5.53
CA THR C 207 -4.96 -31.20 -4.32
C THR C 207 -6.45 -30.91 -4.57
N SER C 208 -7.29 -31.93 -4.34
CA SER C 208 -8.73 -31.80 -4.52
C SER C 208 -9.26 -30.59 -3.79
N PRO C 209 -10.10 -29.79 -4.46
CA PRO C 209 -10.77 -28.63 -3.86
C PRO C 209 -11.77 -29.04 -2.78
N ILE C 210 -11.90 -28.24 -1.74
CA ILE C 210 -12.98 -28.45 -0.77
C ILE C 210 -14.13 -27.56 -1.19
N VAL C 211 -15.26 -28.19 -1.50
CA VAL C 211 -16.38 -27.53 -2.16
C VAL C 211 -17.61 -27.41 -1.25
N LYS C 212 -18.24 -26.24 -1.23
CA LYS C 212 -19.52 -26.09 -0.53
C LYS C 212 -20.49 -25.32 -1.39
N SER C 213 -21.73 -25.82 -1.43
CA SER C 213 -22.76 -25.32 -2.33
C SER C 213 -24.11 -25.07 -1.66
N PHE C 214 -24.97 -24.33 -2.35
CA PHE C 214 -26.42 -24.35 -2.08
C PHE C 214 -27.20 -23.99 -3.33
N ASN C 215 -28.49 -24.25 -3.27
CA ASN C 215 -29.39 -23.83 -4.31
C ASN C 215 -30.40 -22.94 -3.66
N ARG C 216 -30.47 -21.68 -4.10
CA ARG C 216 -31.45 -20.74 -3.57
C ARG C 216 -32.86 -21.33 -3.56
N ASN C 217 -33.14 -22.13 -4.59
CA ASN C 217 -34.45 -22.70 -4.91
C ASN C 217 -34.99 -23.70 -3.91
N GLU C 218 -34.10 -24.51 -3.37
CA GLU C 218 -34.56 -25.61 -2.53
C GLU C 218 -34.02 -25.50 -1.12
N CYS C 219 -34.68 -26.17 -0.19
CA CYS C 219 -34.25 -26.14 1.18
C CYS C 219 -33.59 -27.46 1.59
N GLN D 1 -0.88 -0.31 40.97
CA GLN D 1 -0.34 -0.73 39.66
C GLN D 1 -0.41 0.44 38.70
N VAL D 2 0.57 0.55 37.82
CA VAL D 2 0.62 1.64 36.87
C VAL D 2 -0.50 1.47 35.85
N GLN D 3 -1.28 2.53 35.68
CA GLN D 3 -2.42 2.50 34.77
C GLN D 3 -2.48 3.76 33.95
N LEU D 4 -2.78 3.60 32.66
CA LEU D 4 -2.90 4.74 31.76
C LEU D 4 -4.22 4.69 31.07
N GLN D 5 -4.95 5.80 31.10
CA GLN D 5 -6.21 5.85 30.39
C GLN D 5 -6.21 6.92 29.32
N GLN D 6 -6.32 6.50 28.06
CA GLN D 6 -6.25 7.41 26.91
C GLN D 6 -7.65 7.74 26.39
N SER D 7 -7.82 8.95 25.86
CA SER D 7 -9.13 9.35 25.30
C SER D 7 -9.54 8.42 24.18
N GLY D 8 -10.85 8.25 24.00
CA GLY D 8 -11.36 7.27 23.04
C GLY D 8 -11.10 7.64 21.60
N PRO D 9 -11.40 6.72 20.67
CA PRO D 9 -11.16 6.96 19.25
C PRO D 9 -11.91 8.18 18.70
N VAL D 10 -11.35 8.82 17.68
CA VAL D 10 -11.95 10.02 17.09
C VAL D 10 -11.91 10.04 15.58
N LEU D 11 -12.93 10.66 15.00
CA LEU D 11 -12.95 10.99 13.61
C LEU D 11 -12.90 12.51 13.52
N VAL D 12 -11.88 13.05 12.85
CA VAL D 12 -11.76 14.49 12.71
C VAL D 12 -11.54 14.87 11.27
N LYS D 13 -12.06 16.03 10.91
CA LYS D 13 -11.87 16.58 9.58
C LYS D 13 -10.45 17.12 9.37
N PRO D 14 -9.94 17.01 8.13
CA PRO D 14 -8.66 17.58 7.70
C PRO D 14 -8.56 19.09 7.95
N GLY D 15 -7.38 19.51 8.40
CA GLY D 15 -7.12 20.92 8.65
C GLY D 15 -7.50 21.40 10.03
N THR D 16 -7.95 20.49 10.89
CA THR D 16 -8.33 20.88 12.23
C THR D 16 -7.27 20.53 13.26
N SER D 17 -7.60 20.80 14.52
CA SER D 17 -6.73 20.48 15.62
C SER D 17 -7.39 19.45 16.54
N LEU D 18 -6.56 18.66 17.20
CA LEU D 18 -7.05 17.65 18.10
C LEU D 18 -6.19 17.66 19.35
N LYS D 19 -6.85 17.57 20.51
CA LYS D 19 -6.15 17.38 21.77
C LYS D 19 -6.49 16.00 22.34
N MET D 20 -5.47 15.17 22.57
CA MET D 20 -5.63 13.84 23.20
C MET D 20 -5.20 13.90 24.65
N SER D 21 -5.83 13.08 25.48
CA SER D 21 -5.46 13.02 26.87
C SER D 21 -4.97 11.64 27.27
N CYS D 22 -4.15 11.60 28.31
CA CYS D 22 -3.62 10.39 28.87
C CYS D 22 -3.57 10.61 30.40
N LYS D 23 -4.48 9.96 31.10
CA LYS D 23 -4.60 10.12 32.54
C LYS D 23 -3.86 8.95 33.19
N ALA D 24 -2.90 9.28 34.04
CA ALA D 24 -2.02 8.29 34.68
C ALA D 24 -2.35 8.06 36.16
N SER D 25 -2.15 6.84 36.64
CA SER D 25 -2.32 6.53 38.06
C SER D 25 -1.46 5.36 38.48
N GLY D 26 -1.15 5.29 39.78
CA GLY D 26 -0.41 4.16 40.31
C GLY D 26 1.05 4.48 40.54
N TYR D 27 1.44 5.71 40.23
CA TYR D 27 2.81 6.19 40.45
C TYR D 27 2.76 7.70 40.65
N THR D 28 3.85 8.29 41.10
CA THR D 28 3.89 9.76 41.21
C THR D 28 4.07 10.38 39.83
N PHE D 29 3.01 11.05 39.40
CA PHE D 29 2.88 11.55 38.05
C PHE D 29 4.13 12.30 37.56
N THR D 30 4.67 13.17 38.41
CA THR D 30 5.83 13.99 38.03
C THR D 30 7.16 13.21 37.97
N ALA D 31 7.17 11.95 38.38
CA ALA D 31 8.43 11.20 38.46
C ALA D 31 8.83 10.54 37.16
N TYR D 32 7.87 10.33 36.25
CA TYR D 32 8.16 9.71 34.96
C TYR D 32 7.97 10.69 33.82
N TYR D 33 8.91 10.72 32.89
CA TYR D 33 8.75 11.52 31.68
C TYR D 33 7.63 10.88 30.87
N MET D 34 6.89 11.70 30.13
CA MET D 34 5.83 11.15 29.31
C MET D 34 6.17 11.29 27.84
N ASN D 35 6.45 10.15 27.20
CA ASN D 35 6.65 10.10 25.76
C ASN D 35 5.33 9.95 25.01
N TRP D 36 5.33 10.33 23.73
CA TRP D 36 4.23 10.06 22.84
C TRP D 36 4.73 9.40 21.57
N MET D 37 4.04 8.34 21.18
CA MET D 37 4.45 7.52 20.04
C MET D 37 3.35 7.52 19.02
N LYS D 38 3.72 7.32 17.75
CA LYS D 38 2.74 7.15 16.69
C LYS D 38 3.00 5.79 16.04
N GLN D 39 1.93 5.04 15.79
CA GLN D 39 2.04 3.80 15.01
C GLN D 39 1.14 3.88 13.79
N SER D 40 1.72 3.60 12.62
CA SER D 40 1.01 3.71 11.36
C SER D 40 0.70 2.33 10.81
N HIS D 41 -0.55 2.18 10.35
CA HIS D 41 -1.07 0.94 9.76
C HIS D 41 -0.75 -0.32 10.60
N GLY D 42 -0.87 -0.19 11.92
CA GLY D 42 -0.63 -1.30 12.84
C GLY D 42 0.76 -1.92 12.77
N LYS D 43 1.74 -1.16 12.27
CA LYS D 43 3.12 -1.66 12.24
C LYS D 43 4.15 -0.60 12.64
N ARG D 44 4.37 0.37 11.75
CA ARG D 44 5.50 1.29 11.85
C ARG D 44 5.38 2.26 13.01
N LEU D 45 6.47 2.36 13.77
CA LEU D 45 6.51 3.15 14.99
C LEU D 45 7.45 4.37 14.93
N GLU D 46 6.96 5.51 15.39
CA GLU D 46 7.77 6.71 15.53
C GLU D 46 7.56 7.31 16.92
N TRP D 47 8.63 7.85 17.49
CA TRP D 47 8.57 8.61 18.73
C TRP D 47 8.31 10.07 18.36
N ILE D 48 7.34 10.71 19.01
CA ILE D 48 6.99 12.11 18.68
C ILE D 48 7.75 13.16 19.50
N ALA D 49 7.69 13.02 20.83
CA ALA D 49 8.22 14.00 21.78
C ALA D 49 8.11 13.43 23.19
N VAL D 50 8.77 14.09 24.13
CA VAL D 50 8.67 13.73 25.55
C VAL D 50 8.51 14.99 26.39
N ILE D 51 7.70 14.90 27.43
CA ILE D 51 7.57 16.01 28.36
C ILE D 51 8.05 15.53 29.71
N ASN D 52 8.71 16.43 30.42
CA ASN D 52 9.02 16.23 31.82
C ASN D 52 7.92 16.88 32.68
N PRO D 53 7.01 16.09 33.26
CA PRO D 53 5.81 16.66 33.86
C PRO D 53 6.10 17.51 35.07
N TYR D 54 7.28 17.32 35.65
CA TYR D 54 7.69 18.07 36.82
C TYR D 54 7.74 19.55 36.51
N ASN D 55 8.49 19.91 35.49
CA ASN D 55 8.66 21.31 35.09
C ASN D 55 8.00 21.66 33.76
N GLY D 56 7.42 20.66 33.08
CA GLY D 56 6.66 20.87 31.87
C GLY D 56 7.50 21.03 30.62
N PHE D 57 8.79 20.77 30.75
CA PHE D 57 9.75 20.96 29.67
C PHE D 57 9.63 19.82 28.67
N THR D 58 9.41 20.18 27.40
CA THR D 58 9.27 19.18 26.33
C THR D 58 10.42 19.17 25.33
N THR D 59 10.78 17.96 24.87
CA THR D 59 11.71 17.77 23.75
C THR D 59 11.02 17.05 22.58
N TYR D 60 11.02 17.71 21.42
CA TYR D 60 10.30 17.24 20.23
C TYR D 60 11.19 16.52 19.22
N ASN D 61 10.62 15.56 18.51
CA ASN D 61 11.22 15.06 17.29
C ASN D 61 11.06 16.15 16.21
N GLN D 62 12.16 16.61 15.63
CA GLN D 62 12.08 17.65 14.60
C GLN D 62 10.99 17.43 13.56
N LYS D 63 10.70 16.17 13.23
CA LYS D 63 9.65 15.81 12.28
C LYS D 63 8.29 16.32 12.72
N PHE D 64 8.09 16.38 14.04
CA PHE D 64 6.81 16.72 14.60
C PHE D 64 6.82 18.09 15.29
N LYS D 65 7.97 18.75 15.37
CA LYS D 65 8.03 20.07 16.00
C LYS D 65 7.22 21.11 15.23
N GLY D 66 6.18 21.64 15.87
CA GLY D 66 5.22 22.51 15.18
C GLY D 66 3.95 21.76 14.85
N LYS D 67 4.03 20.44 14.75
CA LYS D 67 2.88 19.61 14.46
C LYS D 67 2.19 19.15 15.76
N ALA D 68 3.02 18.82 16.76
CA ALA D 68 2.60 18.33 18.06
C ALA D 68 2.94 19.33 19.17
N THR D 69 2.05 19.48 20.15
CA THR D 69 2.33 20.23 21.35
C THR D 69 1.94 19.38 22.54
N LEU D 70 2.89 19.18 23.46
CA LEU D 70 2.69 18.39 24.67
C LEU D 70 2.48 19.28 25.89
N THR D 71 1.47 18.99 26.70
CA THR D 71 1.26 19.70 27.96
C THR D 71 0.87 18.71 29.04
N VAL D 72 0.85 19.15 30.29
CA VAL D 72 0.36 18.31 31.39
C VAL D 72 -0.50 19.11 32.33
N ASP D 73 -1.38 18.43 33.06
CA ASP D 73 -2.13 19.04 34.15
C ASP D 73 -1.77 18.23 35.40
N LYS D 74 -0.95 18.81 36.28
CA LYS D 74 -0.40 18.05 37.41
C LYS D 74 -1.51 17.68 38.37
N SER D 75 -2.37 18.66 38.60
CA SER D 75 -3.59 18.53 39.37
C SER D 75 -4.39 17.27 39.02
N SER D 76 -4.55 16.97 37.71
CA SER D 76 -5.38 15.84 37.29
C SER D 76 -4.60 14.57 36.88
N ASN D 77 -3.27 14.61 37.05
CA ASN D 77 -2.37 13.54 36.58
C ASN D 77 -2.59 13.19 35.13
N THR D 78 -2.83 14.21 34.30
CA THR D 78 -3.15 14.03 32.89
C THR D 78 -2.16 14.71 31.96
N ALA D 79 -1.71 13.93 30.97
CA ALA D 79 -0.82 14.43 29.92
C ALA D 79 -1.64 14.67 28.64
N TYR D 80 -1.29 15.71 27.90
CA TYR D 80 -2.01 16.01 26.67
C TYR D 80 -1.11 16.13 25.48
N MET D 81 -1.66 15.81 24.33
CA MET D 81 -0.97 16.04 23.09
C MET D 81 -1.92 16.66 22.08
N ASP D 82 -1.48 17.77 21.52
CA ASP D 82 -2.24 18.47 20.50
C ASP D 82 -1.59 18.25 19.13
N LEU D 83 -2.40 17.80 18.18
CA LEU D 83 -1.97 17.74 16.80
C LEU D 83 -2.77 18.73 16.01
N ASN D 84 -2.08 19.58 15.26
CA ASN D 84 -2.73 20.54 14.38
C ASN D 84 -2.44 20.21 12.92
N SER D 85 -3.17 20.85 11.99
CA SER D 85 -2.92 20.73 10.54
C SER D 85 -3.11 19.29 10.09
N LEU D 86 -4.21 18.67 10.51
CA LEU D 86 -4.39 17.25 10.31
C LEU D 86 -4.61 16.87 8.86
N THR D 87 -3.98 15.79 8.43
CA THR D 87 -4.21 15.21 7.10
C THR D 87 -4.43 13.73 7.31
N SER D 88 -4.81 13.02 6.25
CA SER D 88 -4.99 11.57 6.33
C SER D 88 -3.67 10.94 6.76
N GLU D 89 -2.56 11.64 6.56
CA GLU D 89 -1.26 11.15 7.02
C GLU D 89 -1.22 11.05 8.54
N ASP D 90 -2.06 11.82 9.21
CA ASP D 90 -2.12 11.71 10.66
C ASP D 90 -2.98 10.59 11.21
N SER D 91 -3.76 9.93 10.36
CA SER D 91 -4.54 8.76 10.78
C SER D 91 -3.61 7.70 11.33
N ALA D 92 -3.75 7.40 12.61
CA ALA D 92 -2.84 6.49 13.28
C ALA D 92 -3.35 6.18 14.70
N VAL D 93 -2.72 5.19 15.34
CA VAL D 93 -2.91 4.97 16.78
C VAL D 93 -1.83 5.75 17.51
N TYR D 94 -2.23 6.58 18.50
CA TYR D 94 -1.27 7.41 19.26
C TYR D 94 -1.16 6.94 20.72
N TYR D 95 0.06 6.61 21.14
CA TYR D 95 0.31 6.06 22.48
C TYR D 95 1.01 7.04 23.40
N CYS D 96 0.54 7.16 24.64
CA CYS D 96 1.36 7.79 25.67
C CYS D 96 2.13 6.69 26.38
N VAL D 97 3.41 6.98 26.61
CA VAL D 97 4.39 6.00 27.07
C VAL D 97 5.28 6.61 28.18
N PRO D 98 4.82 6.52 29.45
CA PRO D 98 5.62 7.03 30.58
C PRO D 98 6.89 6.22 30.83
N TYR D 99 8.00 6.92 31.07
CA TYR D 99 9.27 6.27 31.35
C TYR D 99 9.80 6.65 32.74
N ASP D 100 9.93 5.65 33.60
CA ASP D 100 10.49 5.85 34.93
C ASP D 100 12.02 5.76 34.84
N TYR D 101 12.70 6.89 34.93
CA TYR D 101 14.14 6.91 34.77
C TYR D 101 14.89 6.38 35.97
N ALA D 102 14.42 6.69 37.18
CA ALA D 102 15.04 6.13 38.40
C ALA D 102 15.19 4.59 38.37
N ALA D 103 14.10 3.87 38.09
CA ALA D 103 14.13 2.39 38.10
C ALA D 103 14.46 1.81 36.73
N ASP D 104 14.18 2.59 35.67
CA ASP D 104 14.30 2.17 34.28
C ASP D 104 13.17 1.21 33.93
N ARG D 105 11.94 1.72 33.92
CA ARG D 105 10.76 0.95 33.55
C ARG D 105 9.97 1.76 32.56
N VAL D 106 9.30 1.06 31.65
CA VAL D 106 8.49 1.73 30.65
C VAL D 106 7.11 1.08 30.51
N TYR D 107 6.07 1.91 30.32
CA TYR D 107 4.68 1.44 30.20
C TYR D 107 4.04 2.05 28.99
N TRP D 108 3.15 1.28 28.33
CA TRP D 108 2.41 1.78 27.15
C TRP D 108 0.90 1.86 27.38
N GLY D 109 0.30 2.97 26.95
CA GLY D 109 -1.13 3.16 26.99
C GLY D 109 -1.81 2.21 26.03
N HIS D 110 -3.13 2.23 25.98
CA HIS D 110 -3.81 1.42 24.98
C HIS D 110 -3.90 2.16 23.64
N GLY D 111 -3.44 3.40 23.61
CA GLY D 111 -3.47 4.21 22.42
C GLY D 111 -4.82 4.86 22.18
N THR D 112 -4.82 5.86 21.31
CA THR D 112 -6.03 6.54 20.84
C THR D 112 -6.02 6.47 19.31
N LEU D 113 -7.07 5.90 18.74
CA LEU D 113 -7.17 5.75 17.30
C LEU D 113 -7.74 6.99 16.67
N VAL D 114 -6.98 7.59 15.75
CA VAL D 114 -7.42 8.80 15.04
C VAL D 114 -7.67 8.54 13.56
N THR D 115 -8.88 8.89 13.10
CA THR D 115 -9.21 8.84 11.68
C THR D 115 -9.44 10.27 11.21
N VAL D 116 -8.58 10.72 10.29
CA VAL D 116 -8.75 12.02 9.65
C VAL D 116 -9.38 11.86 8.27
N SER D 117 -10.57 12.41 8.12
CA SER D 117 -11.34 12.22 6.92
C SER D 117 -12.52 13.18 6.89
N THR D 118 -13.07 13.42 5.69
CA THR D 118 -14.25 14.25 5.56
C THR D 118 -15.48 13.37 5.49
N ALA D 119 -15.26 12.05 5.48
CA ALA D 119 -16.35 11.09 5.37
C ALA D 119 -17.29 11.17 6.57
N LYS D 120 -18.56 10.92 6.33
CA LYS D 120 -19.53 11.04 7.38
C LYS D 120 -19.73 9.71 8.08
N THR D 121 -20.08 9.76 9.34
CA THR D 121 -20.32 8.56 10.14
C THR D 121 -21.52 7.78 9.58
N THR D 122 -21.33 6.49 9.30
CA THR D 122 -22.39 5.69 8.74
C THR D 122 -22.58 4.43 9.56
N ALA D 123 -23.80 4.19 10.02
CA ALA D 123 -24.05 3.01 10.85
C ALA D 123 -24.02 1.73 10.01
N PRO D 124 -23.53 0.63 10.59
CA PRO D 124 -23.50 -0.62 9.81
C PRO D 124 -24.85 -1.30 9.81
N SER D 125 -25.13 -2.07 8.76
CA SER D 125 -26.22 -3.01 8.83
C SER D 125 -25.63 -4.30 9.38
N VAL D 126 -26.37 -4.98 10.22
CA VAL D 126 -25.91 -6.25 10.76
C VAL D 126 -26.88 -7.35 10.38
N TYR D 127 -26.30 -8.41 9.84
CA TYR D 127 -27.04 -9.52 9.29
C TYR D 127 -26.59 -10.85 9.92
N PRO D 128 -27.53 -11.65 10.46
CA PRO D 128 -27.18 -12.97 10.98
C PRO D 128 -27.02 -13.94 9.84
N LEU D 129 -26.04 -14.82 9.93
CA LEU D 129 -25.79 -15.79 8.87
C LEU D 129 -25.95 -17.23 9.38
N ALA D 130 -27.09 -17.84 9.05
CA ALA D 130 -27.38 -19.23 9.43
C ALA D 130 -26.90 -20.23 8.36
N PRO D 131 -26.57 -21.48 8.75
CA PRO D 131 -26.06 -22.45 7.76
C PRO D 131 -27.03 -22.69 6.61
N VAL D 132 -26.58 -23.35 5.56
CA VAL D 132 -27.50 -23.68 4.49
C VAL D 132 -28.63 -24.57 4.99
N CYS D 133 -29.83 -24.27 4.50
CA CYS D 133 -31.02 -25.11 4.62
C CYS D 133 -30.82 -26.64 4.74
N GLY D 134 -29.84 -27.19 4.02
CA GLY D 134 -29.59 -28.63 3.95
C GLY D 134 -29.27 -29.36 5.24
N GLY D 135 -29.38 -30.69 5.20
CA GLY D 135 -29.15 -31.55 6.37
C GLY D 135 -27.83 -32.31 6.44
N THR D 136 -26.71 -31.58 6.34
CA THR D 136 -25.38 -32.17 6.62
C THR D 136 -25.12 -32.26 8.15
N THR D 137 -25.41 -33.44 8.71
CA THR D 137 -25.11 -33.75 10.12
C THR D 137 -23.59 -33.94 10.26
N GLY D 138 -22.84 -32.87 10.02
CA GLY D 138 -21.43 -32.81 10.38
C GLY D 138 -21.29 -32.76 11.90
N SER D 139 -20.11 -33.10 12.38
CA SER D 139 -19.82 -33.08 13.82
C SER D 139 -20.02 -31.66 14.39
N SER D 140 -19.60 -30.67 13.63
CA SER D 140 -19.72 -29.29 14.07
C SER D 140 -20.64 -28.43 13.22
N VAL D 141 -20.88 -27.21 13.71
CA VAL D 141 -21.71 -26.24 13.02
C VAL D 141 -21.06 -24.85 13.06
N THR D 142 -21.03 -24.20 11.91
CA THR D 142 -20.45 -22.89 11.83
C THR D 142 -21.54 -21.86 11.58
N LEU D 143 -21.50 -20.77 12.34
CA LEU D 143 -22.43 -19.67 12.17
C LEU D 143 -21.66 -18.41 11.81
N GLY D 144 -22.34 -17.43 11.26
CA GLY D 144 -21.67 -16.20 10.89
C GLY D 144 -22.46 -14.94 11.11
N CYS D 145 -21.76 -13.82 10.99
CA CYS D 145 -22.34 -12.50 11.19
C CYS D 145 -21.64 -11.55 10.23
N LEU D 146 -22.44 -10.82 9.44
CA LEU D 146 -21.91 -9.85 8.47
C LEU D 146 -22.21 -8.45 8.95
N VAL D 147 -21.19 -7.61 8.96
CA VAL D 147 -21.34 -6.24 9.45
C VAL D 147 -20.93 -5.38 8.28
N LYS D 148 -21.87 -4.75 7.59
CA LYS D 148 -21.48 -4.05 6.35
C LYS D 148 -21.88 -2.57 6.22
N GLY D 149 -21.01 -1.80 5.57
CA GLY D 149 -21.26 -0.40 5.20
C GLY D 149 -21.15 0.64 6.33
N TYR D 150 -20.14 0.52 7.17
CA TYR D 150 -19.99 1.46 8.28
C TYR D 150 -18.72 2.29 8.19
N PHE D 151 -18.74 3.44 8.88
CA PHE D 151 -17.61 4.33 9.01
C PHE D 151 -17.78 5.21 10.26
N PRO D 152 -16.70 5.48 10.98
CA PRO D 152 -15.33 5.01 10.87
C PRO D 152 -15.13 3.73 11.65
N GLU D 153 -13.89 3.25 11.70
CA GLU D 153 -13.50 2.22 12.65
C GLU D 153 -13.54 2.84 14.06
N PRO D 154 -13.68 2.01 15.10
CA PRO D 154 -13.78 0.56 15.05
C PRO D 154 -15.21 0.08 15.29
N VAL D 155 -15.31 -1.24 15.42
CA VAL D 155 -16.54 -1.89 15.73
C VAL D 155 -16.18 -2.97 16.74
N THR D 156 -17.12 -3.34 17.60
CA THR D 156 -16.88 -4.42 18.51
C THR D 156 -17.91 -5.45 18.18
N LEU D 157 -17.44 -6.63 17.79
CA LEU D 157 -18.32 -7.77 17.58
C LEU D 157 -18.04 -8.80 18.65
N THR D 158 -19.09 -9.23 19.35
CA THR D 158 -18.97 -10.36 20.27
C THR D 158 -20.10 -11.36 20.03
N TRP D 159 -19.95 -12.58 20.54
CA TRP D 159 -20.98 -13.59 20.47
C TRP D 159 -21.50 -13.85 21.88
N ASN D 160 -22.83 -13.82 22.04
CA ASN D 160 -23.48 -14.01 23.35
C ASN D 160 -22.90 -13.12 24.46
N SER D 161 -22.70 -11.84 24.11
CA SER D 161 -22.11 -10.80 24.98
C SER D 161 -20.65 -11.08 25.36
N GLY D 162 -19.93 -11.81 24.54
CA GLY D 162 -18.55 -12.14 24.84
C GLY D 162 -18.36 -13.39 25.67
N SER D 163 -19.46 -13.94 26.19
CA SER D 163 -19.43 -15.23 26.87
C SER D 163 -19.08 -16.41 25.94
N LEU D 164 -19.37 -16.30 24.65
CA LEU D 164 -18.94 -17.33 23.71
C LEU D 164 -17.64 -16.87 23.01
N SER D 165 -16.53 -17.45 23.46
CA SER D 165 -15.17 -17.04 23.02
C SER D 165 -14.47 -18.09 22.16
N SER D 166 -14.64 -19.36 22.49
CA SER D 166 -13.96 -20.41 21.71
C SER D 166 -14.55 -20.58 20.32
N GLY D 167 -13.68 -20.86 19.34
CA GLY D 167 -14.09 -21.14 17.97
C GLY D 167 -14.61 -19.94 17.21
N VAL D 168 -14.12 -18.76 17.56
CA VAL D 168 -14.49 -17.52 16.90
C VAL D 168 -13.36 -17.08 16.00
N HIS D 169 -13.72 -16.56 14.83
CA HIS D 169 -12.78 -15.85 13.98
C HIS D 169 -13.44 -14.55 13.60
N THR D 170 -12.89 -13.43 14.05
CA THR D 170 -13.34 -12.12 13.60
C THR D 170 -12.30 -11.62 12.62
N PHE D 171 -12.79 -11.27 11.44
CA PHE D 171 -11.93 -10.92 10.35
C PHE D 171 -11.65 -9.44 10.34
N PRO D 172 -10.42 -9.05 9.96
CA PRO D 172 -10.17 -7.63 9.77
C PRO D 172 -11.17 -7.05 8.79
N ALA D 173 -11.54 -5.80 9.03
CA ALA D 173 -12.43 -5.05 8.15
C ALA D 173 -11.72 -4.72 6.83
N LEU D 174 -12.51 -4.64 5.76
CA LEU D 174 -12.01 -4.14 4.49
C LEU D 174 -12.75 -2.89 4.05
N LEU D 175 -12.04 -2.01 3.35
CA LEU D 175 -12.62 -0.75 2.93
C LEU D 175 -12.91 -0.80 1.46
N GLN D 176 -14.17 -0.66 1.09
CA GLN D 176 -14.47 -0.36 -0.31
C GLN D 176 -15.52 0.72 -0.49
N SER D 177 -15.16 1.72 -1.30
CA SER D 177 -16.02 2.88 -1.60
C SER D 177 -16.39 3.63 -0.31
N GLY D 178 -15.39 3.86 0.52
CA GLY D 178 -15.50 4.71 1.69
C GLY D 178 -16.22 4.08 2.84
N LEU D 179 -16.55 2.78 2.74
CA LEU D 179 -17.22 2.06 3.83
C LEU D 179 -16.51 0.76 4.18
N TYR D 180 -16.48 0.46 5.49
CA TYR D 180 -15.93 -0.79 6.01
C TYR D 180 -16.96 -1.91 6.02
N THR D 181 -16.47 -3.15 5.95
CA THR D 181 -17.26 -4.36 5.95
C THR D 181 -16.41 -5.39 6.69
N LEU D 182 -17.03 -6.14 7.60
CA LEU D 182 -16.34 -7.06 8.49
C LEU D 182 -17.23 -8.28 8.72
N SER D 183 -16.61 -9.43 8.99
CA SER D 183 -17.34 -10.65 9.30
C SER D 183 -16.69 -11.42 10.43
N SER D 184 -17.48 -12.29 11.07
CA SER D 184 -17.02 -13.09 12.18
C SER D 184 -17.72 -14.41 12.06
N SER D 185 -16.99 -15.48 12.29
CA SER D 185 -17.61 -16.81 12.29
C SER D 185 -17.47 -17.41 13.67
N VAL D 186 -18.47 -18.22 14.05
CA VAL D 186 -18.38 -19.00 15.29
C VAL D 186 -18.71 -20.48 15.03
N THR D 187 -17.85 -21.34 15.56
CA THR D 187 -18.02 -22.78 15.38
C THR D 187 -18.26 -23.47 16.70
N VAL D 188 -19.44 -24.07 16.82
CA VAL D 188 -19.80 -24.81 18.02
C VAL D 188 -20.12 -26.24 17.64
N THR D 189 -20.27 -27.10 18.64
CA THR D 189 -20.70 -28.48 18.42
C THR D 189 -22.14 -28.55 17.91
N SER D 190 -22.42 -29.60 17.14
CA SER D 190 -23.76 -29.86 16.62
C SER D 190 -24.85 -29.79 17.71
N ASN D 191 -24.49 -30.24 18.92
CA ASN D 191 -25.41 -30.29 20.06
C ASN D 191 -25.83 -28.91 20.52
N THR D 192 -24.90 -27.97 20.45
CA THR D 192 -25.10 -26.61 20.89
C THR D 192 -26.21 -25.87 20.11
N TRP D 193 -26.03 -25.72 18.80
CA TRP D 193 -26.95 -24.92 18.00
C TRP D 193 -27.65 -25.85 17.03
N PRO D 194 -28.93 -25.60 16.74
CA PRO D 194 -29.76 -24.47 17.13
C PRO D 194 -30.37 -24.51 18.53
N SER D 195 -30.14 -25.59 19.27
CA SER D 195 -30.86 -25.79 20.54
C SER D 195 -30.53 -24.77 21.64
N GLN D 196 -29.40 -24.08 21.51
CA GLN D 196 -29.13 -22.89 22.32
C GLN D 196 -29.07 -21.63 21.47
N THR D 197 -29.72 -20.57 21.93
CA THR D 197 -29.77 -19.35 21.17
C THR D 197 -28.34 -18.79 21.11
N ILE D 198 -27.89 -18.41 19.91
CA ILE D 198 -26.60 -17.74 19.73
C ILE D 198 -26.86 -16.39 19.08
N THR D 199 -26.24 -15.36 19.63
CA THR D 199 -26.49 -13.99 19.19
C THR D 199 -25.19 -13.30 18.85
N CYS D 200 -25.21 -12.64 17.69
CA CYS D 200 -24.17 -11.70 17.27
C CYS D 200 -24.44 -10.35 17.94
N ASN D 201 -23.42 -9.81 18.62
CA ASN D 201 -23.51 -8.49 19.26
C ASN D 201 -22.50 -7.52 18.64
N VAL D 202 -23.02 -6.46 18.05
CA VAL D 202 -22.19 -5.52 17.32
C VAL D 202 -22.39 -4.10 17.84
N ALA D 203 -21.29 -3.45 18.22
CA ALA D 203 -21.36 -2.06 18.64
C ALA D 203 -20.55 -1.20 17.68
N HIS D 204 -21.08 -0.04 17.34
CA HIS D 204 -20.35 0.94 16.56
C HIS D 204 -20.49 2.28 17.27
N PRO D 205 -19.60 2.52 18.28
CA PRO D 205 -19.63 3.69 19.15
C PRO D 205 -19.93 5.00 18.39
N ALA D 206 -19.15 5.29 17.35
CA ALA D 206 -19.32 6.48 16.53
C ALA D 206 -20.75 6.75 16.04
N SER D 207 -21.54 5.72 15.79
CA SER D 207 -22.92 5.93 15.36
C SER D 207 -23.96 5.63 16.45
N SER D 208 -23.49 5.33 17.66
CA SER D 208 -24.33 4.93 18.80
C SER D 208 -25.15 3.67 18.52
N THR D 209 -24.67 2.86 17.58
CA THR D 209 -25.31 1.62 17.19
C THR D 209 -24.92 0.49 18.15
N LYS D 210 -25.95 -0.23 18.60
CA LYS D 210 -25.77 -1.45 19.37
C LYS D 210 -26.88 -2.38 18.98
N VAL D 211 -26.54 -3.49 18.35
CA VAL D 211 -27.57 -4.39 17.88
C VAL D 211 -27.30 -5.83 18.22
N ASP D 212 -28.36 -6.56 18.52
CA ASP D 212 -28.27 -7.99 18.76
C ASP D 212 -29.02 -8.78 17.72
N LYS D 213 -28.26 -9.47 16.89
CA LYS D 213 -28.84 -10.35 15.88
C LYS D 213 -28.77 -11.81 16.34
N LYS D 214 -29.95 -12.41 16.52
CA LYS D 214 -30.03 -13.83 16.84
C LYS D 214 -29.83 -14.62 15.56
N ILE D 215 -29.04 -15.68 15.65
CA ILE D 215 -28.82 -16.53 14.52
C ILE D 215 -29.91 -17.58 14.51
N GLU D 216 -30.74 -17.59 13.48
CA GLU D 216 -31.84 -18.52 13.46
C GLU D 216 -31.93 -19.38 12.22
N PRO D 217 -32.38 -20.65 12.36
CA PRO D 217 -32.42 -21.57 11.23
C PRO D 217 -33.28 -21.01 10.11
N ARG D 218 -32.80 -21.11 8.86
CA ARG D 218 -33.44 -20.42 7.74
C ARG D 218 -34.59 -21.15 7.05
N GLY D 219 -35.21 -20.44 6.09
CA GLY D 219 -36.22 -20.96 5.15
C GLY D 219 -37.24 -21.82 5.86
#